data_6PF3
#
_entry.id   6PF3
#
_cell.length_a   89.144
_cell.length_b   89.322
_cell.length_c   163.480
_cell.angle_alpha   90.00
_cell.angle_beta   90.01
_cell.angle_gamma   90.00
#
_symmetry.space_group_name_H-M   'C 1 2 1'
#
loop_
_entity.id
_entity.type
_entity.pdbx_description
1 polymer 'Thymidylate synthase'
2 non-polymer "2'-DEOXYURIDINE 5'-MONOPHOSPHATE"
3 non-polymer '2-({4-[(2-amino-4-oxo-4,7-dihydro-3H-pyrrolo[2,3-d]pyrimidin-5-yl)methyl]benzene-1-carbonyl}amino)-4-chlorobenzoic acid'
4 water water
#
_entity_poly.entity_id   1
_entity_poly.type   'polypeptide(L)'
_entity_poly.pdbx_seq_one_letter_code
;MPVAGSELQYLGQIQHILRCGVRKDDRTGTGTLSVFGMQARYSLRDEFPLLTTKRVFWKGVLEELLWFIKGSTNAKELSS
KGVKIWDANGSRDFLDSLGFSTREEGDLGPVYGFQWRHFGAEYRDMESDYSGQGVDQLQRVIDTIKTNPDDRRIIMCAWN
PRDLPLMALPPCHALCQFYVVNSELSCQLYQRSGDMGLGVPFNIASYALLTYMIAHITGLKPGDFIHTLGDAHIYLNHIE
PLKIQLQREPRPFPKLRILRKVEKIDDFKAEDFQIEGYNPHPTIKMEMAV
;
_entity_poly.pdbx_strand_id   A,B,C,D
#
loop_
_chem_comp.id
_chem_comp.type
_chem_comp.name
_chem_comp.formula
OE7 non-polymer '2-({4-[(2-amino-4-oxo-4,7-dihydro-3H-pyrrolo[2,3-d]pyrimidin-5-yl)methyl]benzene-1-carbonyl}amino)-4-chlorobenzoic acid' 'C21 H16 Cl N5 O4'
UMP non-polymer '2'-DEOXYURIDINE 5'-MONOPHOSPHATE' 'C9 H13 N2 O8 P'
#
# COMPACT_ATOMS: atom_id res chain seq x y z
N SER A 6 28.44 22.19 16.80
CA SER A 6 27.44 21.58 15.95
C SER A 6 28.08 20.70 14.86
N GLU A 7 28.98 21.31 14.09
CA GLU A 7 29.69 20.56 13.07
C GLU A 7 30.68 19.57 13.68
N LEU A 8 31.05 19.76 14.96
CA LEU A 8 31.91 18.81 15.63
C LEU A 8 31.25 17.45 15.83
N GLN A 9 29.92 17.40 15.74
CA GLN A 9 29.23 16.11 15.87
C GLN A 9 29.42 15.25 14.62
N TYR A 10 29.37 15.86 13.44
CA TYR A 10 29.64 15.11 12.22
C TYR A 10 31.10 14.66 12.17
N LEU A 11 32.03 15.59 12.38
CA LEU A 11 33.45 15.24 12.40
C LEU A 11 33.76 14.26 13.53
N GLY A 12 33.02 14.34 14.63
CA GLY A 12 33.20 13.36 15.69
C GLY A 12 32.67 11.98 15.31
N GLN A 13 31.64 11.93 14.45
CA GLN A 13 31.16 10.64 13.96
C GLN A 13 32.16 10.04 12.98
N ILE A 14 32.79 10.87 12.14
CA ILE A 14 33.85 10.40 11.26
C ILE A 14 35.03 9.89 12.08
N GLN A 15 35.37 10.62 13.14
CA GLN A 15 36.45 10.21 14.03
C GLN A 15 36.15 8.88 14.70
N HIS A 16 34.91 8.68 15.16
CA HIS A 16 34.55 7.45 15.85
C HIS A 16 34.54 6.25 14.90
N ILE A 17 34.19 6.46 13.63
CA ILE A 17 34.11 5.35 12.70
C ILE A 17 35.50 4.93 12.24
N LEU A 18 36.43 5.88 12.11
CA LEU A 18 37.79 5.51 11.71
C LEU A 18 38.52 4.77 12.82
N ARG A 19 38.13 4.98 14.08
CA ARG A 19 38.82 4.35 15.20
C ARG A 19 38.17 3.04 15.60
N CYS A 20 36.84 3.03 15.74
CA CYS A 20 36.11 1.87 16.23
C CYS A 20 35.30 1.16 15.16
N GLY A 21 35.34 1.64 13.92
CA GLY A 21 34.57 0.99 12.87
C GLY A 21 35.06 -0.42 12.59
N VAL A 22 34.16 -1.26 12.10
CA VAL A 22 34.45 -2.65 11.78
C VAL A 22 34.40 -2.83 10.27
N ARG A 23 35.30 -3.66 9.76
CA ARG A 23 35.31 -3.96 8.34
C ARG A 23 34.05 -4.71 7.95
N LYS A 24 33.50 -4.36 6.78
CA LYS A 24 32.22 -4.90 6.37
C LYS A 24 32.09 -4.76 4.86
N ASP A 25 31.84 -5.86 4.17
CA ASP A 25 31.57 -5.80 2.75
C ASP A 25 30.16 -5.26 2.52
N ASP A 26 29.87 -4.88 1.27
CA ASP A 26 28.63 -4.20 0.97
C ASP A 26 28.14 -4.59 -0.42
N ARG A 27 27.03 -3.96 -0.82
CA ARG A 27 26.47 -4.16 -2.15
C ARG A 27 27.50 -3.89 -3.24
N THR A 28 28.21 -2.77 -3.14
CA THR A 28 29.20 -2.38 -4.14
C THR A 28 30.47 -3.22 -3.96
N GLY A 29 31.54 -2.82 -4.63
CA GLY A 29 32.79 -3.55 -4.54
C GLY A 29 33.59 -3.25 -3.29
N THR A 30 33.95 -1.99 -3.10
CA THR A 30 34.81 -1.61 -1.98
C THR A 30 34.09 -1.80 -0.66
N GLY A 31 34.81 -2.31 0.33
CA GLY A 31 34.27 -2.49 1.65
C GLY A 31 34.08 -1.17 2.36
N THR A 32 33.69 -1.27 3.63
CA THR A 32 33.46 -0.09 4.46
C THR A 32 34.01 -0.33 5.85
N LEU A 33 34.13 0.76 6.61
CA LEU A 33 34.20 0.72 8.05
C LEU A 33 32.84 1.17 8.58
N SER A 34 32.16 0.29 9.31
CA SER A 34 30.75 0.48 9.63
C SER A 34 30.52 0.59 11.12
N VAL A 35 29.53 1.39 11.49
CA VAL A 35 29.02 1.52 12.85
C VAL A 35 27.50 1.58 12.77
N PHE A 36 26.83 0.85 13.65
CA PHE A 36 25.37 0.76 13.64
C PHE A 36 24.80 1.52 14.83
N GLY A 37 23.98 2.53 14.56
CA GLY A 37 23.31 3.28 15.62
C GLY A 37 24.03 4.56 16.01
N MET A 38 23.60 5.69 15.45
CA MET A 38 24.20 6.98 15.75
C MET A 38 23.12 8.06 15.71
N GLN A 39 23.36 9.14 16.43
CA GLN A 39 22.42 10.25 16.46
C GLN A 39 23.17 11.55 16.74
N ALA A 40 22.93 12.57 15.93
CA ALA A 40 23.51 13.89 16.11
C ALA A 40 22.41 14.94 16.01
N ARG A 41 22.59 16.04 16.74
CA ARG A 41 21.61 17.11 16.81
C ARG A 41 22.22 18.39 16.25
N TYR A 42 21.58 18.96 15.24
CA TYR A 42 22.07 20.16 14.57
C TYR A 42 21.06 21.28 14.76
N SER A 43 21.49 22.36 15.42
CA SER A 43 20.60 23.48 15.67
C SER A 43 20.36 24.28 14.41
N LEU A 44 19.11 24.70 14.21
CA LEU A 44 18.72 25.51 13.06
C LEU A 44 18.45 26.96 13.45
N ARG A 45 18.71 27.33 14.69
CA ARG A 45 18.38 28.67 15.18
C ARG A 45 19.43 29.66 14.71
N ASP A 46 19.04 30.53 13.78
CA ASP A 46 19.90 31.60 13.27
C ASP A 46 21.17 31.07 12.62
N GLU A 47 21.10 29.87 12.05
CA GLU A 47 22.22 29.30 11.32
C GLU A 47 21.71 28.12 10.50
N PHE A 48 22.44 27.80 9.44
CA PHE A 48 22.10 26.69 8.57
C PHE A 48 23.26 25.69 8.52
N PRO A 49 23.00 24.40 8.75
CA PRO A 49 24.10 23.42 8.89
C PRO A 49 24.69 22.98 7.55
N LEU A 50 25.42 23.88 6.92
CA LEU A 50 26.15 23.58 5.69
C LEU A 50 27.62 23.46 6.06
N LEU A 51 28.18 22.26 5.85
CA LEU A 51 29.51 21.97 6.36
C LEU A 51 30.55 22.93 5.79
N THR A 52 31.47 23.36 6.64
CA THR A 52 32.50 24.32 6.27
C THR A 52 33.87 23.70 6.06
N THR A 53 34.11 22.50 6.60
CA THR A 53 35.38 21.82 6.37
C THR A 53 35.51 21.30 4.94
N LYS A 54 34.44 21.34 4.15
CA LYS A 54 34.48 21.04 2.73
C LYS A 54 33.25 21.66 2.09
N ARG A 55 33.41 22.17 0.89
CA ARG A 55 32.31 22.84 0.20
C ARG A 55 31.24 21.81 -0.18
N VAL A 56 30.03 22.01 0.35
CA VAL A 56 28.92 21.10 0.11
C VAL A 56 28.14 21.59 -1.10
N PHE A 57 27.72 20.65 -1.95
CA PHE A 57 26.97 20.98 -3.16
C PHE A 57 25.62 21.58 -2.80
N TRP A 58 25.58 22.90 -2.58
CA TRP A 58 24.33 23.53 -2.15
C TRP A 58 23.32 23.61 -3.29
N LYS A 59 23.80 23.84 -4.52
CA LYS A 59 22.88 23.92 -5.65
C LYS A 59 22.16 22.61 -5.89
N GLY A 60 22.81 21.48 -5.60
CA GLY A 60 22.15 20.19 -5.74
C GLY A 60 21.13 19.95 -4.63
N VAL A 61 21.43 20.42 -3.42
CA VAL A 61 20.49 20.25 -2.31
C VAL A 61 19.18 20.96 -2.61
N LEU A 62 19.27 22.22 -3.03
CA LEU A 62 18.07 23.01 -3.30
C LEU A 62 17.25 22.42 -4.44
N GLU A 63 17.91 22.11 -5.57
CA GLU A 63 17.18 21.62 -6.74
C GLU A 63 16.60 20.24 -6.49
N GLU A 64 17.33 19.36 -5.80
CA GLU A 64 16.82 18.03 -5.55
C GLU A 64 15.58 18.07 -4.66
N LEU A 65 15.59 18.94 -3.64
CA LEU A 65 14.42 19.06 -2.77
C LEU A 65 13.22 19.60 -3.53
N LEU A 66 13.41 20.64 -4.34
CA LEU A 66 12.33 21.10 -5.22
C LEU A 66 11.86 19.97 -6.13
N TRP A 67 12.80 19.19 -6.67
CA TRP A 67 12.45 18.01 -7.45
C TRP A 67 11.71 16.98 -6.60
N PHE A 68 12.07 16.87 -5.32
CA PHE A 68 11.33 15.99 -4.41
C PHE A 68 9.92 16.49 -4.18
N ILE A 69 9.76 17.80 -3.93
CA ILE A 69 8.46 18.36 -3.61
C ILE A 69 7.50 18.24 -4.80
N LYS A 70 8.02 18.43 -6.02
CA LYS A 70 7.20 18.28 -7.21
C LYS A 70 6.61 16.87 -7.34
N GLY A 71 7.21 15.88 -6.70
CA GLY A 71 6.77 14.51 -6.85
C GLY A 71 7.36 13.77 -8.03
N SER A 72 8.37 14.34 -8.68
CA SER A 72 8.92 13.75 -9.89
C SER A 72 9.84 12.58 -9.56
N THR A 73 9.76 11.54 -10.41
CA THR A 73 10.64 10.38 -10.34
C THR A 73 11.49 10.26 -11.60
N ASN A 74 11.77 11.40 -12.22
CA ASN A 74 12.50 11.47 -13.48
C ASN A 74 13.87 12.08 -13.21
N ALA A 75 14.93 11.27 -13.36
CA ALA A 75 16.28 11.78 -13.18
C ALA A 75 16.64 12.82 -14.24
N LYS A 76 16.03 12.72 -15.42
CA LYS A 76 16.31 13.69 -16.47
C LYS A 76 15.75 15.07 -16.13
N GLU A 77 14.61 15.13 -15.46
CA GLU A 77 14.02 16.41 -15.08
C GLU A 77 14.88 17.16 -14.08
N LEU A 78 15.57 16.42 -13.19
CA LEU A 78 16.53 17.06 -12.30
C LEU A 78 17.83 17.39 -13.02
N SER A 79 18.26 16.50 -13.93
CA SER A 79 19.49 16.75 -14.69
C SER A 79 19.36 17.98 -15.59
N SER A 80 18.15 18.27 -16.08
CA SER A 80 17.96 19.45 -16.91
C SER A 80 18.27 20.74 -16.16
N LYS A 81 18.06 20.73 -14.84
CA LYS A 81 18.41 21.88 -14.01
C LYS A 81 19.90 21.99 -13.73
N GLY A 82 20.66 20.94 -14.01
CA GLY A 82 22.09 20.92 -13.77
C GLY A 82 22.56 20.04 -12.62
N VAL A 83 21.79 19.05 -12.22
CA VAL A 83 22.12 18.18 -11.09
C VAL A 83 22.12 16.75 -11.60
N LYS A 84 23.31 16.16 -11.70
CA LYS A 84 23.49 14.86 -12.31
C LYS A 84 23.61 13.72 -11.30
N ILE A 85 23.31 13.98 -10.03
CA ILE A 85 23.56 12.99 -8.98
C ILE A 85 22.69 11.75 -9.15
N TRP A 86 21.57 11.86 -9.86
CA TRP A 86 20.68 10.71 -10.08
C TRP A 86 20.79 10.14 -11.48
N ASP A 87 21.59 10.75 -12.35
CA ASP A 87 21.74 10.23 -13.71
C ASP A 87 22.33 8.83 -13.71
N ALA A 88 23.33 8.59 -12.85
CA ALA A 88 23.96 7.28 -12.77
C ALA A 88 22.92 6.19 -12.50
N ASN A 89 22.09 6.38 -11.48
CA ASN A 89 21.08 5.38 -11.13
C ASN A 89 19.90 5.37 -12.10
N GLY A 90 19.92 6.18 -13.14
CA GLY A 90 18.87 6.17 -14.14
C GLY A 90 19.41 6.04 -15.55
N SER A 91 20.44 5.21 -15.70
CA SER A 91 21.05 4.94 -16.99
C SER A 91 20.59 3.58 -17.50
N ARG A 92 20.65 3.41 -18.82
CA ARG A 92 20.19 2.18 -19.43
C ARG A 92 20.99 0.98 -18.93
N ASP A 93 22.30 1.18 -18.71
CA ASP A 93 23.14 0.12 -18.17
C ASP A 93 22.71 -0.27 -16.77
N PHE A 94 22.54 0.72 -15.88
CA PHE A 94 22.16 0.43 -14.51
C PHE A 94 20.73 -0.09 -14.43
N LEU A 95 19.83 0.45 -15.25
CA LEU A 95 18.44 0.02 -15.21
C LEU A 95 18.28 -1.40 -15.73
N ASP A 96 18.99 -1.75 -16.81
CA ASP A 96 18.92 -3.11 -17.32
C ASP A 96 19.46 -4.12 -16.32
N SER A 97 20.43 -3.71 -15.49
CA SER A 97 21.04 -4.64 -14.54
C SER A 97 20.02 -5.16 -13.52
N LEU A 98 19.13 -4.29 -13.05
CA LEU A 98 18.16 -4.66 -12.02
C LEU A 98 16.95 -5.38 -12.59
N GLY A 99 16.96 -5.72 -13.87
CA GLY A 99 15.84 -6.37 -14.51
C GLY A 99 14.76 -5.44 -15.02
N PHE A 100 14.99 -4.14 -14.98
CA PHE A 100 14.04 -3.16 -15.50
C PHE A 100 14.39 -2.79 -16.94
N SER A 101 14.35 -3.79 -17.81
CA SER A 101 14.64 -3.56 -19.22
C SER A 101 13.43 -2.99 -19.95
N THR A 102 12.22 -3.33 -19.50
CA THR A 102 11.01 -2.73 -20.04
C THR A 102 10.89 -1.26 -19.70
N ARG A 103 11.62 -0.79 -18.68
CA ARG A 103 11.49 0.57 -18.20
C ARG A 103 12.28 1.53 -19.07
N GLU A 104 11.70 2.69 -19.35
CA GLU A 104 12.37 3.71 -20.13
C GLU A 104 13.47 4.39 -19.32
N GLU A 105 14.46 4.92 -20.03
CA GLU A 105 15.61 5.53 -19.36
C GLU A 105 15.20 6.80 -18.63
N GLY A 106 15.67 6.94 -17.39
CA GLY A 106 15.38 8.07 -16.54
C GLY A 106 14.36 7.79 -15.46
N ASP A 107 13.59 6.71 -15.58
CA ASP A 107 12.58 6.36 -14.60
C ASP A 107 13.26 5.66 -13.42
N LEU A 108 13.33 6.35 -12.29
CA LEU A 108 13.88 5.75 -11.08
C LEU A 108 12.88 4.86 -10.34
N GLY A 109 11.63 4.81 -10.79
CA GLY A 109 10.61 4.04 -10.13
C GLY A 109 9.94 4.83 -9.03
N PRO A 110 9.17 4.15 -8.19
CA PRO A 110 8.52 4.84 -7.06
C PRO A 110 9.52 5.22 -5.98
N VAL A 111 9.93 6.48 -5.96
CA VAL A 111 10.99 6.92 -5.06
C VAL A 111 10.46 8.05 -4.20
N TYR A 112 11.37 8.84 -3.60
CA TYR A 112 10.99 9.81 -2.58
C TYR A 112 9.86 10.71 -3.04
N GLY A 113 9.96 11.25 -4.26
CA GLY A 113 8.95 12.18 -4.73
C GLY A 113 7.58 11.52 -4.89
N PHE A 114 7.55 10.27 -5.31
CA PHE A 114 6.28 9.57 -5.46
C PHE A 114 5.70 9.17 -4.10
N GLN A 115 6.56 8.76 -3.17
CA GLN A 115 6.07 8.34 -1.85
C GLN A 115 5.62 9.53 -1.01
N TRP A 116 6.27 10.69 -1.20
CA TRP A 116 5.92 11.88 -0.42
C TRP A 116 4.51 12.36 -0.76
N ARG A 117 4.12 12.29 -2.04
CA ARG A 117 2.89 12.91 -2.51
C ARG A 117 1.81 11.92 -2.90
N HIS A 118 2.16 10.67 -3.19
CA HIS A 118 1.18 9.71 -3.70
C HIS A 118 1.44 8.33 -3.10
N PHE A 119 1.55 8.27 -1.77
CA PHE A 119 1.83 7.00 -1.11
C PHE A 119 0.66 6.05 -1.22
N GLY A 120 0.93 4.84 -1.69
CA GLY A 120 -0.08 3.80 -1.78
C GLY A 120 -0.71 3.64 -3.15
N ALA A 121 -0.50 4.59 -4.04
CA ALA A 121 -1.03 4.47 -5.40
C ALA A 121 -0.23 3.45 -6.19
N GLU A 122 -0.88 2.84 -7.19
CA GLU A 122 -0.21 1.89 -8.06
C GLU A 122 0.69 2.65 -9.03
N TYR A 123 1.98 2.35 -9.02
CA TYR A 123 2.94 3.06 -9.86
C TYR A 123 2.84 2.54 -11.29
N ARG A 124 2.60 3.45 -12.23
CA ARG A 124 2.55 3.12 -13.64
C ARG A 124 3.90 3.36 -14.30
N ASP A 125 4.13 4.59 -14.76
CA ASP A 125 5.43 4.98 -15.29
C ASP A 125 5.76 6.38 -14.78
N MET A 126 6.92 6.89 -15.17
CA MET A 126 7.38 8.18 -14.66
C MET A 126 6.60 9.35 -15.26
N GLU A 127 5.97 9.17 -16.42
CA GLU A 127 5.25 10.24 -17.10
C GLU A 127 3.77 10.27 -16.74
N SER A 128 3.31 9.41 -15.83
CA SER A 128 1.90 9.34 -15.50
C SER A 128 1.47 10.55 -14.67
N ASP A 129 0.17 10.63 -14.44
CA ASP A 129 -0.45 11.67 -13.62
C ASP A 129 -1.14 10.99 -12.43
N TYR A 130 -0.64 11.25 -11.23
CA TYR A 130 -1.14 10.61 -10.02
C TYR A 130 -1.96 11.56 -9.15
N SER A 131 -2.32 12.74 -9.66
CA SER A 131 -3.12 13.68 -8.90
C SER A 131 -4.42 13.04 -8.44
N GLY A 132 -4.69 13.16 -7.14
CA GLY A 132 -5.84 12.51 -6.54
C GLY A 132 -5.62 11.09 -6.10
N GLN A 133 -4.45 10.51 -6.38
CA GLN A 133 -4.15 9.14 -6.03
C GLN A 133 -3.09 9.10 -4.93
N GLY A 134 -3.23 8.16 -4.02
CA GLY A 134 -2.28 8.01 -2.94
C GLY A 134 -2.47 9.06 -1.85
N VAL A 135 -1.61 8.96 -0.84
CA VAL A 135 -1.65 9.84 0.32
C VAL A 135 -0.61 10.95 0.14
N ASP A 136 -1.05 12.19 0.22
CA ASP A 136 -0.15 13.35 0.12
C ASP A 136 0.41 13.60 1.51
N GLN A 137 1.51 12.90 1.82
CA GLN A 137 2.10 12.98 3.15
C GLN A 137 2.64 14.37 3.45
N LEU A 138 3.24 15.02 2.45
CA LEU A 138 3.86 16.31 2.69
C LEU A 138 2.82 17.37 3.07
N GLN A 139 1.70 17.41 2.35
CA GLN A 139 0.68 18.40 2.67
C GLN A 139 -0.04 18.06 3.97
N ARG A 140 -0.26 16.77 4.23
CA ARG A 140 -0.87 16.37 5.49
C ARG A 140 0.01 16.76 6.67
N VAL A 141 1.34 16.66 6.49
CA VAL A 141 2.26 17.09 7.53
C VAL A 141 2.10 18.59 7.79
N ILE A 142 2.06 19.38 6.72
CA ILE A 142 1.95 20.83 6.86
C ILE A 142 0.60 21.22 7.48
N ASP A 143 -0.46 20.49 7.13
CA ASP A 143 -1.77 20.80 7.70
C ASP A 143 -1.83 20.48 9.18
N THR A 144 -1.27 19.34 9.60
CA THR A 144 -1.30 18.96 11.01
C THR A 144 -0.52 19.95 11.86
N ILE A 145 0.62 20.42 11.35
CA ILE A 145 1.40 21.41 12.08
C ILE A 145 0.61 22.71 12.25
N LYS A 146 -0.24 23.04 11.27
CA LYS A 146 -1.02 24.27 11.36
C LYS A 146 -2.13 24.16 12.40
N THR A 147 -2.81 23.02 12.44
CA THR A 147 -4.02 22.88 13.26
C THR A 147 -3.79 22.15 14.58
N ASN A 148 -2.83 21.23 14.65
CA ASN A 148 -2.59 20.43 15.85
C ASN A 148 -1.10 20.20 16.02
N PRO A 149 -0.37 21.23 16.46
CA PRO A 149 1.10 21.09 16.59
C PRO A 149 1.53 20.07 17.63
N ASP A 150 0.70 19.78 18.63
CA ASP A 150 1.05 18.82 19.67
C ASP A 150 0.94 17.38 19.21
N ASP A 151 0.47 17.13 17.99
CA ASP A 151 0.32 15.78 17.50
C ASP A 151 1.67 15.06 17.46
N ARG A 152 1.69 13.81 17.95
CA ARG A 152 2.89 13.00 18.00
C ARG A 152 2.97 12.02 16.84
N ARG A 153 2.27 12.32 15.74
CA ARG A 153 2.18 11.41 14.60
C ARG A 153 2.45 12.15 13.29
N ILE A 154 3.21 13.24 13.36
CA ILE A 154 3.56 14.02 12.17
C ILE A 154 4.74 13.37 11.48
N ILE A 155 4.47 12.37 10.65
CA ILE A 155 5.49 11.53 10.06
C ILE A 155 5.32 11.49 8.55
N MET A 156 6.43 11.62 7.84
CA MET A 156 6.48 11.43 6.39
C MET A 156 7.38 10.22 6.13
N CYS A 157 6.78 9.13 5.68
CA CYS A 157 7.49 7.86 5.50
C CYS A 157 7.65 7.55 4.02
N ALA A 158 8.89 7.29 3.60
CA ALA A 158 9.18 6.94 2.21
C ALA A 158 9.43 5.45 2.02
N TRP A 159 9.50 4.67 3.10
CA TRP A 159 9.78 3.24 3.00
C TRP A 159 8.47 2.50 2.77
N ASN A 160 8.28 2.02 1.55
CA ASN A 160 7.08 1.25 1.18
C ASN A 160 7.48 -0.17 0.85
N PRO A 161 7.29 -1.13 1.76
CA PRO A 161 7.68 -2.53 1.46
C PRO A 161 6.99 -3.11 0.25
N ARG A 162 5.82 -2.62 -0.14
CA ARG A 162 5.15 -3.15 -1.32
C ARG A 162 5.86 -2.72 -2.59
N ASP A 163 6.28 -1.45 -2.67
CA ASP A 163 6.91 -0.90 -3.86
C ASP A 163 8.42 -1.08 -3.87
N LEU A 164 8.97 -1.86 -2.95
CA LEU A 164 10.43 -2.04 -2.90
C LEU A 164 11.00 -2.71 -4.14
N PRO A 165 10.44 -3.80 -4.66
CA PRO A 165 11.07 -4.45 -5.84
C PRO A 165 11.04 -3.61 -7.09
N LEU A 166 10.35 -2.48 -7.11
CA LEU A 166 10.24 -1.63 -8.30
C LEU A 166 11.17 -0.41 -8.25
N MET A 167 11.90 -0.22 -7.16
CA MET A 167 12.74 0.97 -7.01
C MET A 167 14.14 0.72 -7.55
N ALA A 168 14.69 1.73 -8.23
CA ALA A 168 16.07 1.66 -8.67
C ALA A 168 17.02 1.63 -7.50
N LEU A 169 16.70 2.36 -6.42
CA LEU A 169 17.48 2.36 -5.19
C LEU A 169 16.54 2.59 -4.01
N PRO A 170 16.52 1.67 -3.04
CA PRO A 170 15.59 1.83 -1.92
C PRO A 170 15.89 3.09 -1.15
N PRO A 171 14.90 3.65 -0.45
CA PRO A 171 15.10 4.93 0.25
C PRO A 171 16.12 4.79 1.36
N CYS A 172 17.10 5.70 1.36
CA CYS A 172 18.10 5.74 2.42
C CYS A 172 17.61 6.58 3.60
N HIS A 173 17.13 7.79 3.34
CA HIS A 173 16.37 8.55 4.33
C HIS A 173 14.92 8.12 4.19
N ALA A 174 14.53 7.13 5.00
CA ALA A 174 13.26 6.44 4.80
C ALA A 174 12.10 7.04 5.60
N LEU A 175 12.37 7.66 6.74
CA LEU A 175 11.30 8.15 7.60
C LEU A 175 11.76 9.41 8.31
N CYS A 176 10.88 10.39 8.40
CA CYS A 176 11.15 11.61 9.14
C CYS A 176 9.92 11.99 9.96
N GLN A 177 10.17 12.69 11.06
CA GLN A 177 9.11 13.09 11.98
C GLN A 177 9.34 14.53 12.40
N PHE A 178 8.25 15.27 12.54
CA PHE A 178 8.30 16.68 12.90
C PHE A 178 7.73 16.90 14.30
N TYR A 179 8.11 18.03 14.89
CA TYR A 179 7.86 18.29 16.30
C TYR A 179 7.83 19.80 16.52
N VAL A 180 6.86 20.26 17.31
CA VAL A 180 6.64 21.67 17.56
C VAL A 180 6.56 21.92 19.05
N VAL A 181 7.34 22.88 19.53
CA VAL A 181 7.21 23.38 20.90
C VAL A 181 7.87 24.74 20.97
N ASN A 182 7.29 25.64 21.77
CA ASN A 182 7.77 27.02 21.91
C ASN A 182 7.85 27.73 20.56
N SER A 183 6.88 27.45 19.69
CA SER A 183 6.85 27.98 18.33
C SER A 183 8.13 27.66 17.55
N GLU A 184 8.75 26.52 17.85
CA GLU A 184 9.92 26.05 17.13
C GLU A 184 9.60 24.70 16.48
N LEU A 185 9.93 24.57 15.20
CA LEU A 185 9.71 23.36 14.45
C LEU A 185 11.00 22.55 14.39
N SER A 186 10.93 21.28 14.81
CA SER A 186 12.08 20.38 14.77
C SER A 186 11.75 19.17 13.91
N CYS A 187 12.80 18.53 13.40
CA CYS A 187 12.68 17.40 12.50
C CYS A 187 13.72 16.34 12.85
N GLN A 188 13.29 15.09 12.94
CA GLN A 188 14.20 13.97 13.14
C GLN A 188 14.11 13.05 11.93
N LEU A 189 15.27 12.75 11.35
CA LEU A 189 15.36 11.88 10.19
C LEU A 189 15.97 10.54 10.59
N TYR A 190 15.30 9.45 10.23
CA TYR A 190 15.90 8.12 10.36
C TYR A 190 16.46 7.72 9.00
N GLN A 191 17.78 7.65 8.91
CA GLN A 191 18.49 7.25 7.70
C GLN A 191 19.01 5.84 7.88
N ARG A 192 18.48 4.90 7.09
CA ARG A 192 18.86 3.50 7.24
C ARG A 192 20.31 3.25 6.84
N SER A 193 20.82 4.00 5.87
CA SER A 193 22.16 3.81 5.35
C SER A 193 22.79 5.16 5.06
N GLY A 194 23.96 5.40 5.63
CA GLY A 194 24.60 6.70 5.47
C GLY A 194 26.02 6.66 4.96
N ASP A 195 26.21 7.13 3.73
CA ASP A 195 27.55 7.33 3.18
C ASP A 195 28.18 8.53 3.87
N MET A 196 28.96 8.27 4.93
CA MET A 196 29.43 9.34 5.79
C MET A 196 30.28 10.37 5.05
N GLY A 197 30.90 9.99 3.94
CA GLY A 197 31.73 10.92 3.21
C GLY A 197 30.99 11.73 2.17
N LEU A 198 30.02 11.10 1.48
CA LEU A 198 29.35 11.72 0.34
C LEU A 198 27.92 12.14 0.67
N GLY A 199 27.05 11.19 0.96
CA GLY A 199 25.64 11.48 1.10
C GLY A 199 25.24 12.16 2.39
N VAL A 200 25.90 11.80 3.50
CA VAL A 200 25.47 12.30 4.80
C VAL A 200 25.53 13.82 4.90
N PRO A 201 26.62 14.50 4.52
CA PRO A 201 26.57 15.97 4.50
C PRO A 201 25.51 16.52 3.58
N PHE A 202 25.25 15.83 2.46
CA PHE A 202 24.19 16.26 1.55
C PHE A 202 22.82 16.10 2.19
N ASN A 203 22.60 14.98 2.88
CA ASN A 203 21.29 14.73 3.49
C ASN A 203 21.02 15.68 4.66
N ILE A 204 22.06 16.04 5.41
CA ILE A 204 21.87 16.93 6.57
C ILE A 204 21.34 18.28 6.11
N ALA A 205 21.96 18.85 5.08
CA ALA A 205 21.50 20.13 4.56
C ALA A 205 20.14 20.01 3.88
N SER A 206 19.85 18.85 3.29
CA SER A 206 18.57 18.66 2.61
C SER A 206 17.40 18.81 3.56
N TYR A 207 17.37 17.96 4.60
CA TYR A 207 16.25 18.00 5.53
C TYR A 207 16.27 19.22 6.43
N ALA A 208 17.44 19.84 6.62
CA ALA A 208 17.47 21.15 7.27
C ALA A 208 16.77 22.20 6.41
N LEU A 209 16.96 22.13 5.09
CA LEU A 209 16.27 23.03 4.18
C LEU A 209 14.77 22.76 4.18
N LEU A 210 14.38 21.49 4.26
CA LEU A 210 12.97 21.16 4.31
C LEU A 210 12.30 21.74 5.56
N THR A 211 13.01 21.72 6.69
CA THR A 211 12.48 22.30 7.91
C THR A 211 12.27 23.81 7.76
N TYR A 212 13.24 24.49 7.14
CA TYR A 212 13.08 25.92 6.89
C TYR A 212 11.87 26.21 6.02
N MET A 213 11.60 25.34 5.04
CA MET A 213 10.44 25.56 4.16
C MET A 213 9.14 25.45 4.93
N ILE A 214 8.96 24.35 5.67
CA ILE A 214 7.72 24.15 6.42
C ILE A 214 7.60 25.15 7.56
N ALA A 215 8.73 25.57 8.14
CA ALA A 215 8.68 26.61 9.16
C ALA A 215 8.18 27.93 8.58
N HIS A 216 8.61 28.25 7.36
CA HIS A 216 8.13 29.46 6.69
C HIS A 216 6.65 29.37 6.38
N ILE A 217 6.18 28.17 6.01
CA ILE A 217 4.78 28.00 5.65
C ILE A 217 3.89 28.07 6.89
N THR A 218 4.21 27.27 7.90
CA THR A 218 3.40 27.20 9.10
C THR A 218 3.64 28.35 10.07
N GLY A 219 4.47 29.32 9.71
CA GLY A 219 4.74 30.46 10.57
C GLY A 219 5.43 30.11 11.87
N LEU A 220 6.47 29.29 11.80
CA LEU A 220 7.23 28.86 12.95
C LEU A 220 8.70 29.20 12.76
N LYS A 221 9.47 29.08 13.84
CA LYS A 221 10.90 29.29 13.81
C LYS A 221 11.63 27.94 13.77
N PRO A 222 12.65 27.79 12.93
CA PRO A 222 13.37 26.51 12.86
C PRO A 222 14.06 26.19 14.17
N GLY A 223 13.94 24.93 14.59
CA GLY A 223 14.50 24.50 15.86
C GLY A 223 15.73 23.62 15.72
N ASP A 224 15.54 22.31 15.85
CA ASP A 224 16.64 21.34 15.77
C ASP A 224 16.38 20.33 14.67
N PHE A 225 17.46 19.87 14.04
CA PHE A 225 17.41 18.74 13.13
C PHE A 225 18.17 17.59 13.77
N ILE A 226 17.47 16.49 14.07
CA ILE A 226 18.06 15.33 14.70
C ILE A 226 18.27 14.28 13.62
N HIS A 227 19.53 14.00 13.29
CA HIS A 227 19.90 13.00 12.29
C HIS A 227 20.18 11.67 12.99
N THR A 228 19.36 10.66 12.70
CA THR A 228 19.52 9.33 13.26
C THR A 228 19.96 8.38 12.17
N LEU A 229 21.10 7.71 12.37
CA LEU A 229 21.70 6.83 11.38
C LEU A 229 21.56 5.37 11.79
N GLY A 230 21.31 4.51 10.81
CA GLY A 230 21.39 3.08 11.01
C GLY A 230 22.79 2.58 10.75
N ASP A 231 23.03 2.06 9.54
CA ASP A 231 24.38 1.65 9.13
C ASP A 231 25.12 2.90 8.66
N ALA A 232 25.93 3.48 9.54
CA ALA A 232 26.80 4.59 9.19
C ALA A 232 28.15 4.02 8.78
N HIS A 233 28.50 4.18 7.50
CA HIS A 233 29.65 3.50 6.94
C HIS A 233 30.54 4.48 6.18
N ILE A 234 31.84 4.21 6.22
CA ILE A 234 32.84 4.97 5.48
C ILE A 234 33.44 4.05 4.43
N TYR A 235 33.26 4.40 3.16
CA TYR A 235 33.84 3.60 2.08
C TYR A 235 35.37 3.67 2.13
N LEU A 236 36.00 2.59 1.65
CA LEU A 236 37.46 2.50 1.74
C LEU A 236 38.14 3.61 0.96
N ASN A 237 37.63 3.92 -0.24
CA ASN A 237 38.20 4.99 -1.05
C ASN A 237 37.84 6.38 -0.55
N HIS A 238 37.19 6.48 0.62
CA HIS A 238 36.91 7.77 1.25
C HIS A 238 37.77 8.01 2.48
N ILE A 239 38.58 7.03 2.90
CA ILE A 239 39.38 7.19 4.11
C ILE A 239 40.36 8.34 3.96
N GLU A 240 41.13 8.34 2.87
CA GLU A 240 42.11 9.40 2.66
C GLU A 240 41.48 10.78 2.54
N PRO A 241 40.41 10.99 1.76
CA PRO A 241 39.80 12.33 1.74
C PRO A 241 39.22 12.76 3.08
N LEU A 242 38.69 11.83 3.88
CA LEU A 242 38.10 12.21 5.16
C LEU A 242 39.17 12.52 6.21
N LYS A 243 40.33 11.87 6.11
CA LYS A 243 41.43 12.20 7.03
C LYS A 243 41.96 13.61 6.76
N ILE A 244 41.87 14.06 5.51
CA ILE A 244 42.24 15.44 5.18
C ILE A 244 41.22 16.41 5.77
N GLN A 245 39.93 16.14 5.55
CA GLN A 245 38.88 17.02 6.07
C GLN A 245 38.93 17.10 7.60
N LEU A 246 39.33 16.02 8.26
CA LEU A 246 39.41 16.04 9.73
C LEU A 246 40.52 16.95 10.24
N GLN A 247 41.45 17.36 9.38
CA GLN A 247 42.53 18.25 9.78
C GLN A 247 42.16 19.72 9.66
N ARG A 248 41.10 20.04 8.93
CA ARG A 248 40.72 21.43 8.71
C ARG A 248 39.92 21.96 9.89
N GLU A 249 40.13 23.23 10.20
CA GLU A 249 39.44 23.85 11.33
C GLU A 249 38.04 24.30 10.90
N PRO A 250 37.00 23.90 11.61
CA PRO A 250 35.63 24.27 11.20
C PRO A 250 35.39 25.76 11.39
N ARG A 251 34.67 26.34 10.44
CA ARG A 251 34.29 27.74 10.44
C ARG A 251 32.81 27.91 10.75
N PRO A 252 32.39 29.08 11.23
CA PRO A 252 30.98 29.25 11.61
C PRO A 252 30.03 28.97 10.46
N PHE A 253 28.84 28.48 10.80
CA PHE A 253 27.86 28.09 9.81
C PHE A 253 27.35 29.31 9.06
N PRO A 254 26.87 29.12 7.81
CA PRO A 254 26.25 30.23 7.09
C PRO A 254 24.83 30.48 7.57
N LYS A 255 24.08 31.31 6.86
CA LYS A 255 22.69 31.58 7.18
C LYS A 255 21.87 31.51 5.91
N LEU A 256 20.64 31.00 6.04
CA LEU A 256 19.70 30.90 4.94
C LEU A 256 18.62 31.97 5.10
N ARG A 257 18.33 32.69 4.01
CA ARG A 257 17.33 33.74 4.02
C ARG A 257 16.34 33.48 2.89
N ILE A 258 15.06 33.40 3.23
CA ILE A 258 13.99 33.33 2.24
C ILE A 258 13.61 34.75 1.86
N LEU A 259 13.46 35.00 0.56
CA LEU A 259 13.35 36.36 0.05
C LEU A 259 11.92 36.82 -0.21
N ARG A 260 10.96 35.90 -0.34
CA ARG A 260 9.58 36.30 -0.55
C ARG A 260 8.65 35.43 0.28
N LYS A 261 7.51 35.99 0.65
CA LYS A 261 6.52 35.27 1.44
C LYS A 261 5.80 34.24 0.58
N VAL A 262 5.97 32.97 0.91
CA VAL A 262 5.37 31.85 0.18
C VAL A 262 4.32 31.21 1.07
N GLU A 263 3.19 30.82 0.47
CA GLU A 263 2.07 30.27 1.22
C GLU A 263 1.84 28.78 0.97
N LYS A 264 2.16 28.27 -0.22
CA LYS A 264 2.07 26.86 -0.51
C LYS A 264 3.46 26.28 -0.72
N ILE A 265 3.62 25.01 -0.35
CA ILE A 265 4.94 24.38 -0.43
C ILE A 265 5.36 24.20 -1.89
N ASP A 266 4.38 24.07 -2.80
CA ASP A 266 4.68 23.89 -4.21
C ASP A 266 5.14 25.17 -4.90
N ASP A 267 4.88 26.32 -4.31
CA ASP A 267 5.20 27.60 -4.93
C ASP A 267 6.61 28.09 -4.58
N PHE A 268 7.41 27.25 -3.95
CA PHE A 268 8.81 27.61 -3.68
C PHE A 268 9.63 27.50 -4.95
N LYS A 269 10.39 28.55 -5.26
CA LYS A 269 11.28 28.57 -6.40
C LYS A 269 12.73 28.65 -5.92
N ALA A 270 13.64 28.20 -6.77
CA ALA A 270 15.05 28.17 -6.39
C ALA A 270 15.60 29.57 -6.14
N GLU A 271 15.04 30.58 -6.80
CA GLU A 271 15.52 31.95 -6.63
C GLU A 271 15.08 32.56 -5.31
N ASP A 272 14.22 31.89 -4.54
CA ASP A 272 13.72 32.43 -3.28
C ASP A 272 14.70 32.29 -2.12
N PHE A 273 15.83 31.59 -2.32
CA PHE A 273 16.74 31.28 -1.23
C PHE A 273 18.10 31.94 -1.47
N GLN A 274 18.74 32.32 -0.36
CA GLN A 274 20.03 32.99 -0.44
C GLN A 274 20.87 32.58 0.77
N ILE A 275 21.98 31.91 0.50
CA ILE A 275 22.92 31.50 1.54
C ILE A 275 23.90 32.64 1.76
N GLU A 276 23.98 33.13 2.99
CA GLU A 276 24.81 34.26 3.34
C GLU A 276 25.96 33.82 4.24
N GLY A 277 27.16 34.33 3.95
CA GLY A 277 28.31 34.07 4.81
C GLY A 277 28.82 32.66 4.78
N TYR A 278 28.74 31.97 3.64
CA TYR A 278 29.23 30.61 3.50
C TYR A 278 30.66 30.67 2.99
N ASN A 279 31.63 30.44 3.88
CA ASN A 279 33.05 30.46 3.56
C ASN A 279 33.64 29.10 3.89
N PRO A 280 33.43 28.10 3.04
CA PRO A 280 33.92 26.75 3.33
C PRO A 280 35.34 26.53 2.81
N HIS A 281 35.95 25.47 3.33
CA HIS A 281 37.21 24.98 2.80
C HIS A 281 36.99 24.40 1.40
N PRO A 282 38.05 24.24 0.61
CA PRO A 282 37.88 23.76 -0.76
C PRO A 282 37.21 22.40 -0.82
N THR A 283 36.51 22.15 -1.93
CA THR A 283 35.82 20.89 -2.13
C THR A 283 36.81 19.73 -2.14
N ILE A 284 36.42 18.61 -1.54
CA ILE A 284 37.22 17.40 -1.51
C ILE A 284 36.49 16.34 -2.33
N LYS A 285 37.17 15.79 -3.33
CA LYS A 285 36.56 14.80 -4.20
C LYS A 285 36.39 13.47 -3.46
N MET A 286 35.20 12.89 -3.56
CA MET A 286 34.91 11.60 -2.95
C MET A 286 34.04 10.81 -3.91
N GLU A 287 34.60 9.76 -4.50
CA GLU A 287 33.93 9.04 -5.57
C GLU A 287 32.74 8.25 -5.05
N MET A 288 31.67 8.24 -5.84
CA MET A 288 30.45 7.53 -5.48
C MET A 288 30.58 6.05 -5.80
N ALA A 289 30.18 5.21 -4.85
CA ALA A 289 30.16 3.76 -5.04
C ALA A 289 28.82 3.35 -5.66
N VAL A 290 28.88 2.74 -6.84
CA VAL A 290 27.67 2.33 -7.56
C VAL A 290 27.45 0.83 -7.43
N SER B 6 16.69 -0.26 -44.86
CA SER B 6 16.12 1.08 -44.73
C SER B 6 14.83 1.04 -43.93
N GLU B 7 14.75 1.93 -42.92
CA GLU B 7 13.55 2.02 -42.09
C GLU B 7 12.36 2.61 -42.84
N LEU B 8 12.61 3.28 -43.96
CA LEU B 8 11.51 3.82 -44.76
C LEU B 8 10.63 2.73 -45.36
N GLN B 9 11.14 1.51 -45.47
CA GLN B 9 10.32 0.42 -46.00
C GLN B 9 9.28 -0.04 -45.00
N TYR B 10 9.64 -0.12 -43.72
CA TYR B 10 8.68 -0.47 -42.68
C TYR B 10 7.60 0.61 -42.55
N LEU B 11 8.03 1.87 -42.39
CA LEU B 11 7.08 2.96 -42.27
C LEU B 11 6.24 3.11 -43.52
N GLY B 12 6.79 2.77 -44.68
CA GLY B 12 6.01 2.78 -45.91
C GLY B 12 4.98 1.67 -45.95
N GLN B 13 5.26 0.54 -45.30
CA GLN B 13 4.27 -0.51 -45.19
C GLN B 13 3.15 -0.11 -44.25
N ILE B 14 3.47 0.64 -43.19
CA ILE B 14 2.44 1.15 -42.30
C ILE B 14 1.53 2.12 -43.04
N GLN B 15 2.10 2.99 -43.88
CA GLN B 15 1.28 3.92 -44.66
C GLN B 15 0.34 3.18 -45.61
N HIS B 16 0.86 2.15 -46.27
CA HIS B 16 0.04 1.43 -47.25
C HIS B 16 -1.10 0.67 -46.59
N ILE B 17 -0.89 0.20 -45.35
CA ILE B 17 -1.94 -0.55 -44.67
C ILE B 17 -2.99 0.39 -44.07
N LEU B 18 -2.59 1.58 -43.61
CA LEU B 18 -3.57 2.51 -43.07
C LEU B 18 -4.43 3.11 -44.16
N ARG B 19 -3.91 3.20 -45.38
CA ARG B 19 -4.61 3.79 -46.52
C ARG B 19 -5.34 2.77 -47.38
N CYS B 20 -4.70 1.64 -47.70
CA CYS B 20 -5.30 0.63 -48.57
C CYS B 20 -5.72 -0.64 -47.82
N GLY B 21 -5.52 -0.70 -46.51
CA GLY B 21 -5.89 -1.89 -45.78
C GLY B 21 -7.39 -2.11 -45.76
N VAL B 22 -7.77 -3.38 -45.62
CA VAL B 22 -9.17 -3.79 -45.62
C VAL B 22 -9.54 -4.24 -44.22
N ARG B 23 -10.77 -3.93 -43.81
CA ARG B 23 -11.26 -4.37 -42.51
C ARG B 23 -11.37 -5.88 -42.46
N LYS B 24 -10.98 -6.47 -41.34
CA LYS B 24 -10.93 -7.93 -41.22
C LYS B 24 -10.97 -8.30 -39.75
N ASP B 25 -11.92 -9.15 -39.38
CA ASP B 25 -11.94 -9.69 -38.02
C ASP B 25 -10.86 -10.75 -37.88
N ASP B 26 -10.57 -11.13 -36.64
CA ASP B 26 -9.46 -12.03 -36.37
C ASP B 26 -9.79 -12.93 -35.18
N ARG B 27 -8.81 -13.74 -34.80
CA ARG B 27 -8.93 -14.61 -33.64
C ARG B 27 -9.32 -13.83 -32.40
N THR B 28 -8.63 -12.72 -32.13
CA THR B 28 -8.88 -11.92 -30.94
C THR B 28 -10.16 -11.10 -31.13
N GLY B 29 -10.39 -10.15 -30.22
CA GLY B 29 -11.58 -9.32 -30.30
C GLY B 29 -11.48 -8.19 -31.30
N THR B 30 -10.48 -7.33 -31.13
CA THR B 30 -10.36 -6.15 -31.97
C THR B 30 -10.04 -6.54 -33.40
N GLY B 31 -10.68 -5.86 -34.34
CA GLY B 31 -10.42 -6.10 -35.75
C GLY B 31 -9.06 -5.58 -36.17
N THR B 32 -8.80 -5.68 -37.48
CA THR B 32 -7.54 -5.23 -38.05
C THR B 32 -7.81 -4.54 -39.38
N LEU B 33 -6.79 -3.81 -39.85
CA LEU B 33 -6.65 -3.44 -41.24
C LEU B 33 -5.57 -4.34 -41.83
N SER B 34 -5.91 -5.13 -42.84
CA SER B 34 -5.06 -6.21 -43.29
C SER B 34 -4.66 -6.03 -44.76
N VAL B 35 -3.45 -6.50 -45.06
CA VAL B 35 -2.93 -6.58 -46.43
C VAL B 35 -2.19 -7.90 -46.57
N PHE B 36 -2.41 -8.60 -47.67
CA PHE B 36 -1.83 -9.92 -47.89
C PHE B 36 -0.75 -9.83 -48.96
N GLY B 37 0.48 -10.19 -48.58
CA GLY B 37 1.58 -10.22 -49.52
C GLY B 37 2.44 -8.97 -49.50
N MET B 38 3.55 -9.00 -48.77
CA MET B 38 4.47 -7.87 -48.68
C MET B 38 5.89 -8.39 -48.53
N GLN B 39 6.84 -7.57 -48.97
CA GLN B 39 8.25 -7.93 -48.88
C GLN B 39 9.09 -6.67 -48.75
N ALA B 40 9.98 -6.65 -47.76
CA ALA B 40 10.91 -5.55 -47.55
C ALA B 40 12.32 -6.10 -47.37
N ARG B 41 13.31 -5.33 -47.80
CA ARG B 41 14.71 -5.73 -47.76
C ARG B 41 15.47 -4.77 -46.85
N TYR B 42 16.13 -5.32 -45.83
CA TYR B 42 16.87 -4.53 -44.85
C TYR B 42 18.35 -4.90 -44.93
N SER B 43 19.18 -3.91 -45.24
CA SER B 43 20.61 -4.16 -45.36
C SER B 43 21.25 -4.33 -43.99
N LEU B 44 22.15 -5.30 -43.89
CA LEU B 44 22.87 -5.58 -42.65
C LEU B 44 24.33 -5.13 -42.73
N ARG B 45 24.73 -4.46 -43.81
CA ARG B 45 26.12 -4.09 -44.02
C ARG B 45 26.45 -2.85 -43.19
N ASP B 46 27.25 -3.04 -42.16
CA ASP B 46 27.73 -1.95 -41.29
C ASP B 46 26.59 -1.21 -40.60
N GLU B 47 25.50 -1.92 -40.33
CA GLU B 47 24.38 -1.35 -39.58
C GLU B 47 23.46 -2.49 -39.15
N PHE B 48 22.69 -2.23 -38.10
CA PHE B 48 21.73 -3.19 -37.57
C PHE B 48 20.33 -2.58 -37.60
N PRO B 49 19.35 -3.28 -38.17
CA PRO B 49 18.00 -2.68 -38.39
C PRO B 49 17.15 -2.67 -37.11
N LEU B 50 17.53 -1.79 -36.19
CA LEU B 50 16.75 -1.55 -34.98
C LEU B 50 16.02 -0.22 -35.15
N LEU B 51 14.69 -0.27 -35.14
CA LEU B 51 13.89 0.90 -35.49
C LEU B 51 14.20 2.07 -34.57
N THR B 52 14.29 3.26 -35.17
CA THR B 52 14.63 4.48 -34.45
C THR B 52 13.42 5.38 -34.18
N THR B 53 12.33 5.22 -34.92
CA THR B 53 11.13 6.00 -34.65
C THR B 53 10.42 5.57 -33.38
N LYS B 54 10.84 4.45 -32.77
CA LYS B 54 10.37 4.06 -31.45
C LYS B 54 11.39 3.08 -30.88
N ARG B 55 11.60 3.16 -29.57
CA ARG B 55 12.58 2.29 -28.92
C ARG B 55 12.09 0.84 -28.95
N VAL B 56 12.88 -0.02 -29.59
CA VAL B 56 12.54 -1.43 -29.73
C VAL B 56 13.14 -2.19 -28.56
N PHE B 57 12.39 -3.14 -28.02
CA PHE B 57 12.84 -3.94 -26.89
C PHE B 57 14.02 -4.80 -27.28
N TRP B 58 15.24 -4.24 -27.21
CA TRP B 58 16.41 -4.97 -27.66
C TRP B 58 16.79 -6.08 -26.69
N LYS B 59 16.61 -5.85 -25.39
CA LYS B 59 16.93 -6.88 -24.41
C LYS B 59 16.05 -8.12 -24.59
N GLY B 60 14.80 -7.93 -25.03
CA GLY B 60 13.95 -9.07 -25.31
C GLY B 60 14.36 -9.81 -26.57
N VAL B 61 14.80 -9.07 -27.59
CA VAL B 61 15.26 -9.70 -28.82
C VAL B 61 16.44 -10.62 -28.55
N LEU B 62 17.45 -10.11 -27.84
CA LEU B 62 18.65 -10.88 -27.56
C LEU B 62 18.32 -12.11 -26.71
N GLU B 63 17.59 -11.91 -25.61
CA GLU B 63 17.31 -13.01 -24.68
C GLU B 63 16.41 -14.06 -25.32
N GLU B 64 15.41 -13.64 -26.11
CA GLU B 64 14.51 -14.61 -26.72
C GLU B 64 15.24 -15.48 -27.73
N LEU B 65 16.16 -14.89 -28.50
CA LEU B 65 16.92 -15.68 -29.47
C LEU B 65 17.82 -16.67 -28.77
N LEU B 66 18.53 -16.24 -27.73
CA LEU B 66 19.30 -17.18 -26.92
C LEU B 66 18.41 -18.28 -26.36
N TRP B 67 17.22 -17.91 -25.90
CA TRP B 67 16.24 -18.89 -25.46
C TRP B 67 15.79 -19.78 -26.60
N PHE B 68 15.69 -19.23 -27.82
CA PHE B 68 15.38 -20.04 -28.99
C PHE B 68 16.50 -21.03 -29.32
N ILE B 69 17.75 -20.57 -29.27
CA ILE B 69 18.87 -21.41 -29.66
C ILE B 69 19.04 -22.57 -28.68
N LYS B 70 18.81 -22.33 -27.40
CA LYS B 70 18.87 -23.39 -26.40
C LYS B 70 17.88 -24.52 -26.67
N GLY B 71 16.82 -24.24 -27.43
CA GLY B 71 15.79 -25.23 -27.67
C GLY B 71 14.72 -25.29 -26.61
N SER B 72 14.67 -24.31 -25.70
CA SER B 72 13.73 -24.35 -24.59
C SER B 72 12.33 -23.97 -25.03
N THR B 73 11.34 -24.65 -24.45
CA THR B 73 9.93 -24.35 -24.66
C THR B 73 9.27 -23.92 -23.35
N ASN B 74 10.06 -23.34 -22.44
CA ASN B 74 9.60 -22.97 -21.11
C ASN B 74 9.56 -21.45 -21.04
N ALA B 75 8.35 -20.90 -20.92
CA ALA B 75 8.21 -19.45 -20.80
C ALA B 75 8.81 -18.93 -19.50
N LYS B 76 8.84 -19.77 -18.46
CA LYS B 76 9.41 -19.35 -17.19
C LYS B 76 10.92 -19.18 -17.28
N GLU B 77 11.59 -20.02 -18.07
CA GLU B 77 13.04 -19.90 -18.23
C GLU B 77 13.43 -18.62 -18.94
N LEU B 78 12.58 -18.15 -19.87
CA LEU B 78 12.81 -16.84 -20.46
C LEU B 78 12.39 -15.72 -19.51
N SER B 79 11.30 -15.92 -18.77
CA SER B 79 10.85 -14.92 -17.80
C SER B 79 11.86 -14.75 -16.68
N SER B 80 12.58 -15.82 -16.33
CA SER B 80 13.60 -15.72 -15.29
C SER B 80 14.72 -14.76 -15.68
N LYS B 81 14.98 -14.61 -16.97
CA LYS B 81 15.96 -13.65 -17.45
C LYS B 81 15.42 -12.23 -17.47
N GLY B 82 14.12 -12.04 -17.32
CA GLY B 82 13.51 -10.73 -17.33
C GLY B 82 12.68 -10.40 -18.57
N VAL B 83 12.21 -11.40 -19.32
CA VAL B 83 11.47 -11.19 -20.56
C VAL B 83 10.13 -11.89 -20.40
N LYS B 84 9.06 -11.10 -20.30
CA LYS B 84 7.74 -11.62 -19.99
C LYS B 84 6.84 -11.75 -21.21
N ILE B 85 7.39 -11.64 -22.42
CA ILE B 85 6.58 -11.60 -23.62
C ILE B 85 5.83 -12.91 -23.87
N TRP B 86 6.32 -14.02 -23.31
CA TRP B 86 5.68 -15.31 -23.48
C TRP B 86 4.90 -15.77 -22.25
N ASP B 87 4.95 -15.00 -21.16
CA ASP B 87 4.22 -15.38 -19.95
C ASP B 87 2.72 -15.45 -20.21
N ALA B 88 2.19 -14.49 -20.97
CA ALA B 88 0.76 -14.47 -21.28
C ALA B 88 0.32 -15.79 -21.93
N ASN B 89 1.02 -16.21 -22.98
CA ASN B 89 0.66 -17.44 -23.68
C ASN B 89 1.03 -18.69 -22.91
N GLY B 90 1.60 -18.55 -21.72
CA GLY B 90 1.92 -19.69 -20.88
C GLY B 90 1.34 -19.54 -19.48
N SER B 91 0.14 -18.99 -19.41
CA SER B 91 -0.57 -18.78 -18.15
C SER B 91 -1.63 -19.86 -17.97
N ARG B 92 -1.99 -20.08 -16.70
CA ARG B 92 -2.97 -21.13 -16.39
C ARG B 92 -4.31 -20.83 -17.06
N ASP B 93 -4.69 -19.55 -17.10
CA ASP B 93 -5.93 -19.16 -17.77
C ASP B 93 -5.85 -19.44 -19.26
N PHE B 94 -4.78 -18.99 -19.91
CA PHE B 94 -4.65 -19.17 -21.36
C PHE B 94 -4.46 -20.63 -21.72
N LEU B 95 -3.71 -21.38 -20.90
CA LEU B 95 -3.46 -22.79 -21.20
C LEU B 95 -4.74 -23.62 -21.05
N ASP B 96 -5.55 -23.33 -20.04
CA ASP B 96 -6.80 -24.05 -19.86
C ASP B 96 -7.75 -23.83 -21.04
N SER B 97 -7.69 -22.67 -21.68
CA SER B 97 -8.62 -22.35 -22.77
C SER B 97 -8.44 -23.32 -23.94
N LEU B 98 -7.20 -23.65 -24.28
CA LEU B 98 -6.92 -24.49 -25.44
C LEU B 98 -7.08 -25.98 -25.15
N GLY B 99 -7.58 -26.34 -23.98
CA GLY B 99 -7.72 -27.74 -23.62
C GLY B 99 -6.49 -28.38 -23.04
N PHE B 100 -5.45 -27.61 -22.75
CA PHE B 100 -4.22 -28.13 -22.16
C PHE B 100 -4.26 -28.00 -20.63
N SER B 101 -5.25 -28.68 -20.05
CA SER B 101 -5.39 -28.68 -18.59
C SER B 101 -4.42 -29.66 -17.94
N THR B 102 -4.10 -30.75 -18.62
CA THR B 102 -3.08 -31.69 -18.16
C THR B 102 -1.69 -31.06 -18.18
N ARG B 103 -1.50 -29.99 -18.95
CA ARG B 103 -0.19 -29.38 -19.12
C ARG B 103 0.16 -28.47 -17.95
N GLU B 104 1.40 -28.55 -17.51
CA GLU B 104 1.89 -27.69 -16.43
C GLU B 104 2.06 -26.26 -16.94
N GLU B 105 1.97 -25.31 -16.01
CA GLU B 105 2.08 -23.90 -16.36
C GLU B 105 3.49 -23.57 -16.85
N GLY B 106 3.58 -22.83 -17.96
CA GLY B 106 4.84 -22.44 -18.54
C GLY B 106 5.24 -23.23 -19.78
N ASP B 107 4.62 -24.38 -20.00
CA ASP B 107 4.92 -25.21 -21.17
C ASP B 107 4.17 -24.66 -22.37
N LEU B 108 4.90 -24.06 -23.31
CA LEU B 108 4.29 -23.58 -24.54
C LEU B 108 4.07 -24.67 -25.57
N GLY B 109 4.54 -25.89 -25.31
CA GLY B 109 4.41 -26.96 -26.26
C GLY B 109 5.57 -26.98 -27.24
N PRO B 110 5.43 -27.75 -28.32
CA PRO B 110 6.49 -27.76 -29.34
C PRO B 110 6.51 -26.47 -30.15
N VAL B 111 7.43 -25.57 -29.83
CA VAL B 111 7.46 -24.26 -30.45
C VAL B 111 8.82 -24.07 -31.11
N TYR B 112 9.19 -22.80 -31.37
CA TYR B 112 10.36 -22.51 -32.19
C TYR B 112 11.60 -23.24 -31.72
N GLY B 113 11.86 -23.24 -30.41
CA GLY B 113 13.06 -23.86 -29.90
C GLY B 113 13.08 -25.37 -30.10
N PHE B 114 11.91 -26.00 -29.99
CA PHE B 114 11.84 -27.45 -30.19
C PHE B 114 11.94 -27.81 -31.66
N GLN B 115 11.31 -27.02 -32.54
CA GLN B 115 11.35 -27.34 -33.97
C GLN B 115 12.71 -27.04 -34.58
N TRP B 116 13.42 -26.04 -34.04
CA TRP B 116 14.73 -25.69 -34.56
C TRP B 116 15.74 -26.81 -34.32
N ARG B 117 15.66 -27.46 -33.17
CA ARG B 117 16.68 -28.40 -32.75
C ARG B 117 16.23 -29.86 -32.73
N HIS B 118 14.93 -30.13 -32.70
CA HIS B 118 14.42 -31.48 -32.56
C HIS B 118 13.19 -31.69 -33.44
N PHE B 119 13.30 -31.32 -34.71
CA PHE B 119 12.15 -31.44 -35.60
C PHE B 119 11.82 -32.90 -35.86
N GLY B 120 10.56 -33.27 -35.65
CA GLY B 120 10.09 -34.62 -35.93
C GLY B 120 10.05 -35.53 -34.73
N ALA B 121 10.68 -35.14 -33.63
CA ALA B 121 10.64 -35.94 -32.41
C ALA B 121 9.28 -35.82 -31.74
N GLU B 122 8.91 -36.86 -30.99
CA GLU B 122 7.66 -36.87 -30.25
C GLU B 122 7.81 -35.97 -29.03
N TYR B 123 6.94 -34.95 -28.92
CA TYR B 123 7.03 -34.01 -27.82
C TYR B 123 6.42 -34.62 -26.55
N ARG B 124 7.20 -34.64 -25.47
CA ARG B 124 6.72 -35.13 -24.19
C ARG B 124 6.23 -33.98 -23.31
N ASP B 125 7.14 -33.37 -22.55
CA ASP B 125 6.84 -32.18 -21.77
C ASP B 125 8.01 -31.21 -21.87
N MET B 126 7.89 -30.08 -21.20
CA MET B 126 8.90 -29.03 -21.29
C MET B 126 10.19 -29.41 -20.55
N GLU B 127 10.13 -30.31 -19.58
CA GLU B 127 11.30 -30.68 -18.79
C GLU B 127 12.03 -31.90 -19.35
N SER B 128 11.61 -32.42 -20.50
CA SER B 128 12.23 -33.61 -21.05
C SER B 128 13.61 -33.29 -21.63
N ASP B 129 14.29 -34.35 -22.05
CA ASP B 129 15.60 -34.27 -22.70
C ASP B 129 15.48 -34.87 -24.08
N TYR B 130 15.66 -34.04 -25.11
CA TYR B 130 15.51 -34.47 -26.50
C TYR B 130 16.84 -34.57 -27.23
N SER B 131 17.96 -34.48 -26.53
CA SER B 131 19.28 -34.60 -27.16
C SER B 131 19.38 -35.92 -27.91
N GLY B 132 19.78 -35.84 -29.17
CA GLY B 132 19.84 -36.99 -30.04
C GLY B 132 18.54 -37.33 -30.74
N GLN B 133 17.45 -36.62 -30.44
CA GLN B 133 16.15 -36.88 -31.03
C GLN B 133 15.77 -35.73 -31.97
N GLY B 134 15.09 -36.07 -33.05
CA GLY B 134 14.64 -35.07 -34.00
C GLY B 134 15.76 -34.56 -34.90
N VAL B 135 15.38 -33.62 -35.76
CA VAL B 135 16.27 -33.02 -36.75
C VAL B 135 16.77 -31.69 -36.20
N ASP B 136 18.11 -31.55 -36.08
CA ASP B 136 18.73 -30.32 -35.61
C ASP B 136 18.93 -29.42 -36.83
N GLN B 137 17.89 -28.64 -37.15
CA GLN B 137 17.92 -27.80 -38.34
C GLN B 137 18.96 -26.69 -38.22
N LEU B 138 19.12 -26.12 -37.03
CA LEU B 138 20.03 -24.98 -36.87
C LEU B 138 21.47 -25.37 -37.13
N GLN B 139 21.93 -26.51 -36.60
CA GLN B 139 23.33 -26.90 -36.78
C GLN B 139 23.61 -27.34 -38.21
N ARG B 140 22.64 -28.03 -38.84
CA ARG B 140 22.78 -28.43 -40.24
C ARG B 140 22.87 -27.20 -41.13
N VAL B 141 22.12 -26.14 -40.81
CA VAL B 141 22.22 -24.89 -41.57
C VAL B 141 23.64 -24.32 -41.46
N ILE B 142 24.20 -24.29 -40.26
CA ILE B 142 25.54 -23.74 -40.07
C ILE B 142 26.58 -24.59 -40.79
N ASP B 143 26.39 -25.91 -40.79
CA ASP B 143 27.33 -26.80 -41.46
C ASP B 143 27.28 -26.65 -42.97
N THR B 144 26.07 -26.54 -43.54
CA THR B 144 25.94 -26.41 -44.98
C THR B 144 26.55 -25.10 -45.47
N ILE B 145 26.36 -24.02 -44.71
CA ILE B 145 26.97 -22.75 -45.09
C ILE B 145 28.49 -22.85 -45.06
N LYS B 146 29.04 -23.67 -44.17
CA LYS B 146 30.49 -23.81 -44.08
C LYS B 146 31.04 -24.61 -45.26
N THR B 147 30.35 -25.68 -45.65
CA THR B 147 30.88 -26.63 -46.62
C THR B 147 30.33 -26.45 -48.03
N ASN B 148 29.09 -25.98 -48.17
CA ASN B 148 28.46 -25.84 -49.48
C ASN B 148 27.59 -24.59 -49.49
N PRO B 149 28.22 -23.41 -49.58
CA PRO B 149 27.44 -22.16 -49.53
C PRO B 149 26.50 -21.97 -50.71
N ASP B 150 26.77 -22.60 -51.85
CA ASP B 150 25.92 -22.46 -53.03
C ASP B 150 24.63 -23.26 -52.91
N ASP B 151 24.47 -24.06 -51.86
CA ASP B 151 23.27 -24.87 -51.71
C ASP B 151 22.03 -24.00 -51.64
N ARG B 152 21.00 -24.38 -52.38
CA ARG B 152 19.74 -23.64 -52.44
C ARG B 152 18.68 -24.24 -51.52
N ARG B 153 19.10 -24.98 -50.49
CA ARG B 153 18.18 -25.69 -49.60
C ARG B 153 18.52 -25.44 -48.14
N ILE B 154 19.13 -24.29 -47.84
CA ILE B 154 19.48 -23.92 -46.48
C ILE B 154 18.27 -23.32 -45.80
N ILE B 155 17.39 -24.17 -45.28
CA ILE B 155 16.09 -23.75 -44.77
C ILE B 155 15.92 -24.26 -43.35
N MET B 156 15.42 -23.40 -42.47
CA MET B 156 15.02 -23.76 -41.11
C MET B 156 13.52 -23.52 -41.01
N CYS B 157 12.76 -24.61 -40.91
CA CYS B 157 11.30 -24.55 -40.94
C CYS B 157 10.75 -24.88 -39.55
N ALA B 158 9.89 -24.00 -39.03
CA ALA B 158 9.26 -24.20 -37.73
C ALA B 158 7.81 -24.66 -37.83
N TRP B 159 7.24 -24.68 -39.03
CA TRP B 159 5.85 -25.07 -39.23
C TRP B 159 5.77 -26.59 -39.33
N ASN B 160 5.26 -27.23 -38.27
CA ASN B 160 5.10 -28.68 -38.23
C ASN B 160 3.61 -29.00 -38.18
N PRO B 161 2.99 -29.37 -39.31
CA PRO B 161 1.54 -29.67 -39.28
C PRO B 161 1.16 -30.79 -38.33
N ARG B 162 2.08 -31.71 -38.03
CA ARG B 162 1.75 -32.79 -37.10
C ARG B 162 1.65 -32.27 -35.67
N ASP B 163 2.57 -31.40 -35.26
CA ASP B 163 2.62 -30.89 -33.90
C ASP B 163 1.80 -29.63 -33.70
N LEU B 164 0.97 -29.24 -34.68
CA LEU B 164 0.19 -28.01 -34.54
C LEU B 164 -0.83 -28.05 -33.42
N PRO B 165 -1.64 -29.11 -33.25
CA PRO B 165 -2.66 -29.08 -32.17
C PRO B 165 -2.07 -29.06 -30.77
N LEU B 166 -0.76 -29.22 -30.61
CA LEU B 166 -0.13 -29.23 -29.29
C LEU B 166 0.53 -27.91 -28.94
N MET B 167 0.52 -26.93 -29.84
CA MET B 167 1.20 -25.66 -29.61
C MET B 167 0.27 -24.66 -28.94
N ALA B 168 0.82 -23.91 -27.98
CA ALA B 168 0.06 -22.82 -27.38
C ALA B 168 -0.23 -21.72 -28.39
N LEU B 169 0.71 -21.47 -29.29
CA LEU B 169 0.55 -20.50 -30.38
C LEU B 169 1.33 -20.97 -31.59
N PRO B 170 0.68 -21.14 -32.74
CA PRO B 170 1.39 -21.64 -33.91
C PRO B 170 2.47 -20.67 -34.34
N PRO B 171 3.51 -21.17 -35.02
CA PRO B 171 4.64 -20.30 -35.38
C PRO B 171 4.20 -19.22 -36.36
N CYS B 172 4.54 -17.97 -36.04
CA CYS B 172 4.25 -16.84 -36.92
C CYS B 172 5.36 -16.63 -37.95
N HIS B 173 6.61 -16.59 -37.51
CA HIS B 173 7.74 -16.71 -38.42
C HIS B 173 8.00 -18.20 -38.60
N ALA B 174 7.43 -18.78 -39.66
CA ALA B 174 7.36 -20.22 -39.83
C ALA B 174 8.53 -20.80 -40.61
N LEU B 175 9.13 -20.03 -41.52
CA LEU B 175 10.17 -20.57 -42.39
C LEU B 175 11.17 -19.48 -42.71
N CYS B 176 12.46 -19.85 -42.68
CA CYS B 176 13.52 -18.92 -43.07
C CYS B 176 14.52 -19.66 -43.94
N GLN B 177 15.19 -18.91 -44.81
CA GLN B 177 16.14 -19.47 -45.76
C GLN B 177 17.39 -18.58 -45.79
N PHE B 178 18.54 -19.22 -45.91
CA PHE B 178 19.81 -18.51 -45.94
C PHE B 178 20.46 -18.61 -47.31
N TYR B 179 21.36 -17.67 -47.59
CA TYR B 179 21.89 -17.47 -48.92
C TYR B 179 23.26 -16.81 -48.80
N VAL B 180 24.21 -17.30 -49.59
CA VAL B 180 25.59 -16.84 -49.54
C VAL B 180 26.05 -16.47 -50.94
N VAL B 181 26.61 -15.28 -51.08
CA VAL B 181 27.30 -14.88 -52.30
C VAL B 181 28.21 -13.71 -51.97
N ASN B 182 29.39 -13.68 -52.61
CA ASN B 182 30.40 -12.66 -52.37
C ASN B 182 30.80 -12.61 -50.90
N SER B 183 30.86 -13.78 -50.27
CA SER B 183 31.17 -13.91 -48.84
C SER B 183 30.21 -13.07 -47.99
N GLU B 184 28.97 -12.91 -48.45
CA GLU B 184 27.93 -12.23 -47.69
C GLU B 184 26.80 -13.21 -47.42
N LEU B 185 26.35 -13.25 -46.16
CA LEU B 185 25.26 -14.12 -45.75
C LEU B 185 23.97 -13.32 -45.68
N SER B 186 22.93 -13.80 -46.38
CA SER B 186 21.61 -13.18 -46.38
C SER B 186 20.57 -14.17 -45.87
N CYS B 187 19.47 -13.62 -45.37
CA CYS B 187 18.39 -14.42 -44.78
C CYS B 187 17.05 -13.86 -45.22
N GLN B 188 16.16 -14.74 -45.64
CA GLN B 188 14.78 -14.37 -45.95
C GLN B 188 13.85 -15.11 -45.01
N LEU B 189 12.96 -14.35 -44.36
CA LEU B 189 12.00 -14.90 -43.42
C LEU B 189 10.60 -14.82 -44.02
N TYR B 190 9.89 -15.95 -44.02
CA TYR B 190 8.48 -15.95 -44.36
C TYR B 190 7.67 -15.93 -43.06
N GLN B 191 7.00 -14.81 -42.80
CA GLN B 191 6.15 -14.63 -41.63
C GLN B 191 4.70 -14.72 -42.06
N ARG B 192 4.00 -15.75 -41.58
CA ARG B 192 2.61 -15.98 -42.00
C ARG B 192 1.68 -14.88 -41.47
N SER B 193 1.97 -14.32 -40.31
CA SER B 193 1.10 -13.33 -39.68
C SER B 193 1.97 -12.28 -39.02
N GLY B 194 1.71 -11.02 -39.35
CA GLY B 194 2.53 -9.95 -38.83
C GLY B 194 1.78 -8.84 -38.13
N ASP B 195 1.97 -8.74 -36.81
CA ASP B 195 1.47 -7.61 -36.03
C ASP B 195 2.32 -6.40 -36.32
N MET B 196 1.90 -5.57 -37.28
CA MET B 196 2.76 -4.49 -37.78
C MET B 196 3.16 -3.51 -36.69
N GLY B 197 2.39 -3.40 -35.62
CA GLY B 197 2.72 -2.46 -34.57
C GLY B 197 3.62 -3.01 -33.48
N LEU B 198 3.42 -4.28 -33.12
CA LEU B 198 4.12 -4.88 -31.99
C LEU B 198 5.18 -5.88 -32.42
N GLY B 199 4.78 -6.98 -33.06
CA GLY B 199 5.70 -8.06 -33.33
C GLY B 199 6.66 -7.82 -34.49
N VAL B 200 6.20 -7.14 -35.53
CA VAL B 200 7.01 -7.00 -36.75
C VAL B 200 8.34 -6.31 -36.48
N PRO B 201 8.40 -5.16 -35.79
CA PRO B 201 9.73 -4.61 -35.46
C PRO B 201 10.56 -5.54 -34.60
N PHE B 202 9.92 -6.31 -33.71
CA PHE B 202 10.63 -7.27 -32.90
C PHE B 202 11.20 -8.40 -33.74
N ASN B 203 10.41 -8.90 -34.70
CA ASN B 203 10.86 -10.01 -35.55
C ASN B 203 11.98 -9.58 -36.49
N ILE B 204 11.95 -8.33 -36.98
CA ILE B 204 12.96 -7.86 -37.90
C ILE B 204 14.33 -7.87 -37.23
N ALA B 205 14.40 -7.33 -36.01
CA ALA B 205 15.67 -7.32 -35.28
C ALA B 205 16.09 -8.72 -34.86
N SER B 206 15.11 -9.60 -34.60
CA SER B 206 15.43 -10.94 -34.14
C SER B 206 16.23 -11.71 -35.20
N TYR B 207 15.65 -11.85 -36.40
CA TYR B 207 16.31 -12.61 -37.46
C TYR B 207 17.51 -11.87 -38.03
N ALA B 208 17.56 -10.54 -37.90
CA ALA B 208 18.79 -9.83 -38.21
C ALA B 208 19.90 -10.21 -37.24
N LEU B 209 19.56 -10.38 -35.96
CA LEU B 209 20.54 -10.83 -34.98
C LEU B 209 20.97 -12.27 -35.26
N LEU B 210 20.03 -13.12 -35.69
CA LEU B 210 20.39 -14.49 -36.01
C LEU B 210 21.37 -14.56 -37.17
N THR B 211 21.19 -13.67 -38.16
CA THR B 211 22.12 -13.64 -39.29
C THR B 211 23.51 -13.23 -38.83
N TYR B 212 23.61 -12.24 -37.94
CA TYR B 212 24.91 -11.84 -37.41
C TYR B 212 25.59 -12.99 -36.68
N MET B 213 24.82 -13.80 -35.96
CA MET B 213 25.40 -14.92 -35.22
C MET B 213 25.98 -15.96 -36.16
N ILE B 214 25.19 -16.41 -37.14
CA ILE B 214 25.66 -17.44 -38.07
C ILE B 214 26.76 -16.88 -38.98
N ALA B 215 26.71 -15.59 -39.30
CA ALA B 215 27.79 -14.98 -40.07
C ALA B 215 29.09 -14.98 -39.28
N HIS B 216 29.02 -14.73 -37.97
CA HIS B 216 30.20 -14.76 -37.13
C HIS B 216 30.79 -16.16 -37.06
N ILE B 217 29.93 -17.19 -37.03
CA ILE B 217 30.41 -18.57 -36.94
C ILE B 217 31.02 -19.01 -38.27
N THR B 218 30.29 -18.84 -39.35
CA THR B 218 30.73 -19.31 -40.67
C THR B 218 31.76 -18.39 -41.31
N GLY B 219 32.21 -17.35 -40.62
CA GLY B 219 33.21 -16.44 -41.15
C GLY B 219 32.76 -15.68 -42.37
N LEU B 220 31.56 -15.12 -42.32
CA LEU B 220 31.00 -14.35 -43.42
C LEU B 220 30.61 -12.96 -42.93
N LYS B 221 30.32 -12.09 -43.88
CA LYS B 221 29.83 -10.75 -43.59
C LYS B 221 28.32 -10.68 -43.79
N PRO B 222 27.58 -10.06 -42.85
CA PRO B 222 26.12 -9.99 -43.01
C PRO B 222 25.73 -9.20 -44.25
N GLY B 223 24.74 -9.72 -44.97
CA GLY B 223 24.28 -9.10 -46.21
C GLY B 223 22.94 -8.41 -46.08
N ASP B 224 21.87 -9.07 -46.54
CA ASP B 224 20.53 -8.52 -46.52
C ASP B 224 19.59 -9.42 -45.71
N PHE B 225 18.62 -8.80 -45.05
CA PHE B 225 17.52 -9.54 -44.44
C PHE B 225 16.24 -9.20 -45.21
N ILE B 226 15.66 -10.21 -45.85
CA ILE B 226 14.44 -10.04 -46.63
C ILE B 226 13.27 -10.53 -45.78
N HIS B 227 12.42 -9.60 -45.35
CA HIS B 227 11.24 -9.93 -44.56
C HIS B 227 10.04 -10.09 -45.49
N THR B 228 9.49 -11.30 -45.55
CA THR B 228 8.33 -11.58 -46.38
C THR B 228 7.13 -11.84 -45.47
N LEU B 229 6.06 -11.07 -45.67
CA LEU B 229 4.88 -11.12 -44.83
C LEU B 229 3.72 -11.77 -45.58
N GLY B 230 2.93 -12.56 -44.85
CA GLY B 230 1.66 -13.05 -45.36
C GLY B 230 0.54 -12.08 -45.03
N ASP B 231 -0.22 -12.36 -43.98
CA ASP B 231 -1.25 -11.44 -43.50
C ASP B 231 -0.57 -10.37 -42.65
N ALA B 232 -0.30 -9.22 -43.26
CA ALA B 232 0.24 -8.07 -42.54
C ALA B 232 -0.93 -7.20 -42.09
N HIS B 233 -1.13 -7.12 -40.77
CA HIS B 233 -2.32 -6.50 -40.22
C HIS B 233 -1.96 -5.49 -39.14
N ILE B 234 -2.77 -4.44 -39.06
CA ILE B 234 -2.66 -3.41 -38.04
C ILE B 234 -3.89 -3.50 -37.14
N TYR B 235 -3.68 -3.80 -35.86
CA TYR B 235 -4.79 -3.87 -34.93
C TYR B 235 -5.43 -2.49 -34.74
N LEU B 236 -6.72 -2.49 -34.44
CA LEU B 236 -7.46 -1.23 -34.33
C LEU B 236 -6.90 -0.36 -33.22
N ASN B 237 -6.58 -0.95 -32.07
CA ASN B 237 -6.02 -0.16 -30.97
C ASN B 237 -4.55 0.22 -31.19
N HIS B 238 -4.00 -0.05 -32.38
CA HIS B 238 -2.66 0.39 -32.74
C HIS B 238 -2.66 1.53 -33.75
N ILE B 239 -3.82 1.92 -34.27
CA ILE B 239 -3.88 2.95 -35.30
C ILE B 239 -3.32 4.26 -34.77
N GLU B 240 -3.82 4.72 -33.62
CA GLU B 240 -3.34 5.98 -33.05
C GLU B 240 -1.86 5.95 -32.71
N PRO B 241 -1.31 4.93 -32.05
CA PRO B 241 0.14 4.93 -31.80
C PRO B 241 0.98 4.89 -33.07
N LEU B 242 0.52 4.21 -34.12
CA LEU B 242 1.31 4.16 -35.34
C LEU B 242 1.27 5.47 -36.11
N LYS B 243 0.16 6.21 -36.00
CA LYS B 243 0.09 7.53 -36.62
C LYS B 243 1.05 8.51 -35.95
N ILE B 244 1.30 8.33 -34.66
CA ILE B 244 2.30 9.13 -33.96
C ILE B 244 3.70 8.77 -34.44
N GLN B 245 4.01 7.48 -34.46
CA GLN B 245 5.32 7.03 -34.95
C GLN B 245 5.55 7.41 -36.39
N LEU B 246 4.49 7.48 -37.19
CA LEU B 246 4.61 7.85 -38.60
C LEU B 246 5.01 9.31 -38.77
N GLN B 247 4.87 10.14 -37.73
CA GLN B 247 5.25 11.54 -37.79
C GLN B 247 6.70 11.79 -37.41
N ARG B 248 7.35 10.83 -36.76
CA ARG B 248 8.71 11.04 -36.28
C ARG B 248 9.72 10.84 -37.41
N GLU B 249 10.80 11.62 -37.37
CA GLU B 249 11.83 11.56 -38.40
C GLU B 249 12.79 10.42 -38.08
N PRO B 250 13.04 9.51 -39.03
CA PRO B 250 13.93 8.38 -38.75
C PRO B 250 15.38 8.82 -38.60
N ARG B 251 16.07 8.19 -37.67
CA ARG B 251 17.48 8.44 -37.39
C ARG B 251 18.33 7.26 -37.86
N PRO B 252 19.62 7.48 -38.12
CA PRO B 252 20.46 6.39 -38.63
C PRO B 252 20.45 5.18 -37.72
N PHE B 253 20.61 4.00 -38.33
CA PHE B 253 20.55 2.74 -37.61
C PHE B 253 21.75 2.62 -36.67
N PRO B 254 21.63 1.84 -35.60
CA PRO B 254 22.79 1.58 -34.74
C PRO B 254 23.69 0.53 -35.35
N LYS B 255 24.67 0.06 -34.58
CA LYS B 255 25.58 -0.99 -35.05
C LYS B 255 25.73 -2.04 -33.95
N LEU B 256 25.84 -3.29 -34.35
CA LEU B 256 26.03 -4.41 -33.44
C LEU B 256 27.48 -4.86 -33.50
N ARG B 257 28.09 -5.05 -32.33
CA ARG B 257 29.48 -5.48 -32.25
C ARG B 257 29.55 -6.71 -31.33
N ILE B 258 30.10 -7.80 -31.86
CA ILE B 258 30.40 -8.97 -31.05
C ILE B 258 31.78 -8.78 -30.44
N LEU B 259 31.90 -9.07 -29.14
CA LEU B 259 33.08 -8.68 -28.38
C LEU B 259 34.11 -9.80 -28.22
N ARG B 260 33.72 -11.05 -28.43
CA ARG B 260 34.65 -12.17 -28.33
C ARG B 260 34.39 -13.16 -29.46
N LYS B 261 35.45 -13.86 -29.87
CA LYS B 261 35.33 -14.83 -30.94
C LYS B 261 34.60 -16.07 -30.46
N VAL B 262 33.45 -16.35 -31.06
CA VAL B 262 32.61 -17.50 -30.71
C VAL B 262 32.63 -18.48 -31.87
N GLU B 263 32.71 -19.77 -31.56
CA GLU B 263 32.85 -20.81 -32.56
C GLU B 263 31.63 -21.71 -32.69
N LYS B 264 30.90 -21.93 -31.60
CA LYS B 264 29.66 -22.70 -31.64
C LYS B 264 28.48 -21.80 -31.36
N ILE B 265 27.33 -22.14 -31.95
CA ILE B 265 26.14 -21.29 -31.81
C ILE B 265 25.61 -21.35 -30.39
N ASP B 266 25.84 -22.46 -29.68
CA ASP B 266 25.35 -22.62 -28.32
C ASP B 266 26.17 -21.83 -27.30
N ASP B 267 27.40 -21.44 -27.66
CA ASP B 267 28.29 -20.76 -26.72
C ASP B 267 28.13 -19.25 -26.74
N PHE B 268 27.10 -18.73 -27.41
CA PHE B 268 26.83 -17.29 -27.39
C PHE B 268 26.20 -16.91 -26.06
N LYS B 269 26.74 -15.86 -25.43
CA LYS B 269 26.20 -15.32 -24.19
C LYS B 269 25.68 -13.91 -24.44
N ALA B 270 24.75 -13.47 -23.58
CA ALA B 270 24.12 -12.16 -23.77
C ALA B 270 25.15 -11.03 -23.65
N GLU B 271 26.21 -11.24 -22.87
CA GLU B 271 27.22 -10.20 -22.68
C GLU B 271 28.13 -10.05 -23.90
N ASP B 272 28.01 -10.91 -24.90
CA ASP B 272 28.89 -10.86 -26.07
C ASP B 272 28.49 -9.79 -27.08
N PHE B 273 27.35 -9.13 -26.89
CA PHE B 273 26.81 -8.20 -27.88
C PHE B 273 26.76 -6.80 -27.31
N GLN B 274 26.96 -5.82 -28.19
CA GLN B 274 26.96 -4.42 -27.80
C GLN B 274 26.38 -3.59 -28.94
N ILE B 275 25.26 -2.94 -28.68
CA ILE B 275 24.62 -2.05 -29.65
C ILE B 275 25.20 -0.66 -29.45
N GLU B 276 25.77 -0.09 -30.50
CA GLU B 276 26.43 1.20 -30.44
C GLU B 276 25.66 2.23 -31.24
N GLY B 277 25.50 3.42 -30.67
CA GLY B 277 24.87 4.52 -31.38
C GLY B 277 23.38 4.38 -31.60
N TYR B 278 22.67 3.77 -30.66
CA TYR B 278 21.22 3.61 -30.78
C TYR B 278 20.54 4.78 -30.07
N ASN B 279 20.02 5.72 -30.86
CA ASN B 279 19.36 6.92 -30.36
C ASN B 279 17.94 6.94 -30.89
N PRO B 280 17.04 6.15 -30.32
CA PRO B 280 15.67 6.07 -30.82
C PRO B 280 14.75 7.11 -30.19
N HIS B 281 13.61 7.32 -30.84
CA HIS B 281 12.54 8.10 -30.26
C HIS B 281 11.92 7.33 -29.09
N PRO B 282 11.19 8.02 -28.21
CA PRO B 282 10.65 7.34 -27.01
C PRO B 282 9.74 6.17 -27.36
N THR B 283 9.71 5.19 -26.45
CA THR B 283 8.88 4.01 -26.64
C THR B 283 7.42 4.40 -26.75
N ILE B 284 6.69 3.72 -27.63
CA ILE B 284 5.26 3.91 -27.82
C ILE B 284 4.55 2.65 -27.38
N LYS B 285 3.62 2.78 -26.43
CA LYS B 285 2.90 1.63 -25.91
C LYS B 285 1.92 1.10 -26.95
N MET B 286 1.94 -0.21 -27.18
CA MET B 286 1.01 -0.85 -28.12
C MET B 286 0.57 -2.17 -27.50
N GLU B 287 -0.70 -2.24 -27.10
CA GLU B 287 -1.20 -3.36 -26.32
C GLU B 287 -1.27 -4.64 -27.14
N MET B 288 -0.95 -5.76 -26.49
CA MET B 288 -0.99 -7.07 -27.13
C MET B 288 -2.42 -7.58 -27.19
N ALA B 289 -2.81 -8.08 -28.36
CA ALA B 289 -4.11 -8.73 -28.54
C ALA B 289 -3.96 -10.21 -28.22
N VAL B 290 -4.71 -10.67 -27.23
CA VAL B 290 -4.62 -12.06 -26.80
C VAL B 290 -5.84 -12.85 -27.28
N SER C 6 24.21 0.34 31.62
CA SER C 6 23.21 0.08 30.59
C SER C 6 21.85 0.63 31.00
N GLU C 7 21.38 0.22 32.18
CA GLU C 7 20.11 0.75 32.69
C GLU C 7 20.25 2.20 33.11
N LEU C 8 21.48 2.69 33.31
CA LEU C 8 21.68 4.09 33.63
C LEU C 8 21.31 5.01 32.47
N GLN C 9 21.20 4.47 31.25
CA GLN C 9 20.78 5.29 30.12
C GLN C 9 19.29 5.61 30.18
N TYR C 10 18.47 4.63 30.57
CA TYR C 10 17.04 4.89 30.73
C TYR C 10 16.80 5.86 31.89
N LEU C 11 17.37 5.56 33.05
CA LEU C 11 17.21 6.44 34.20
C LEU C 11 17.82 7.81 33.93
N GLY C 12 18.88 7.86 33.13
CA GLY C 12 19.44 9.14 32.73
C GLY C 12 18.54 9.90 31.78
N GLN C 13 17.75 9.18 30.97
CA GLN C 13 16.77 9.85 30.13
C GLN C 13 15.61 10.41 30.96
N ILE C 14 15.23 9.68 32.02
CA ILE C 14 14.20 10.18 32.92
C ILE C 14 14.68 11.43 33.63
N GLN C 15 15.94 11.45 34.08
CA GLN C 15 16.48 12.65 34.73
C GLN C 15 16.49 13.84 33.78
N HIS C 16 16.89 13.61 32.53
CA HIS C 16 16.98 14.71 31.57
C HIS C 16 15.62 15.28 31.22
N ILE C 17 14.57 14.45 31.23
CA ILE C 17 13.24 14.93 30.89
C ILE C 17 12.59 15.66 32.06
N LEU C 18 12.84 15.22 33.30
CA LEU C 18 12.28 15.91 34.45
C LEU C 18 12.94 17.26 34.67
N ARG C 19 14.18 17.42 34.24
CA ARG C 19 14.95 18.64 34.43
C ARG C 19 14.87 19.58 33.23
N CYS C 20 15.02 19.06 32.01
CA CYS C 20 15.03 19.88 30.81
C CYS C 20 13.77 19.75 29.97
N GLY C 21 12.80 18.92 30.39
CA GLY C 21 11.60 18.76 29.61
C GLY C 21 10.76 20.02 29.56
N VAL C 22 9.98 20.14 28.49
CA VAL C 22 9.11 21.29 28.25
C VAL C 22 7.67 20.86 28.40
N ARG C 23 6.85 21.74 28.96
CA ARG C 23 5.41 21.46 29.09
C ARG C 23 4.77 21.36 27.71
N LYS C 24 3.88 20.38 27.55
CA LYS C 24 3.28 20.11 26.25
C LYS C 24 1.99 19.35 26.45
N ASP C 25 0.89 19.87 25.93
CA ASP C 25 -0.36 19.14 25.94
C ASP C 25 -0.34 18.05 24.87
N ASP C 26 -1.29 17.13 24.96
CA ASP C 26 -1.27 15.95 24.12
C ASP C 26 -2.70 15.52 23.77
N ARG C 27 -2.78 14.40 23.05
CA ARG C 27 -4.05 13.80 22.68
C ARG C 27 -4.94 13.59 23.90
N THR C 28 -4.39 12.99 24.96
CA THR C 28 -5.16 12.70 26.16
C THR C 28 -5.35 13.97 26.97
N GLY C 29 -5.82 13.83 28.21
CA GLY C 29 -6.06 14.98 29.06
C GLY C 29 -4.81 15.54 29.71
N THR C 30 -4.11 14.71 30.48
CA THR C 30 -2.94 15.19 31.22
C THR C 30 -1.82 15.59 30.28
N GLY C 31 -1.17 16.70 30.60
CA GLY C 31 -0.03 17.15 29.82
C GLY C 31 1.18 16.26 30.05
N THR C 32 2.30 16.67 29.45
CA THR C 32 3.54 15.93 29.56
C THR C 32 4.70 16.90 29.73
N LEU C 33 5.84 16.34 30.14
CA LEU C 33 7.14 16.97 29.96
C LEU C 33 7.82 16.22 28.81
N SER C 34 8.13 16.94 27.73
CA SER C 34 8.52 16.32 26.47
C SER C 34 9.93 16.72 26.06
N VAL C 35 10.61 15.78 25.40
CA VAL C 35 11.90 15.99 24.76
C VAL C 35 11.87 15.27 23.42
N PHE C 36 12.37 15.92 22.38
CA PHE C 36 12.34 15.38 21.03
C PHE C 36 13.74 14.99 20.59
N GLY C 37 13.93 13.70 20.29
CA GLY C 37 15.21 13.20 19.80
C GLY C 37 16.10 12.61 20.87
N MET C 38 16.07 11.29 21.03
CA MET C 38 16.87 10.61 22.03
C MET C 38 17.30 9.25 21.50
N GLN C 39 18.42 8.75 22.00
CA GLN C 39 18.94 7.46 21.58
C GLN C 39 19.74 6.82 22.70
N ALA C 40 19.43 5.56 23.02
CA ALA C 40 20.15 4.79 24.02
C ALA C 40 20.50 3.42 23.44
N ARG C 41 21.62 2.87 23.91
CA ARG C 41 22.14 1.60 23.41
C ARG C 41 22.18 0.59 24.56
N TYR C 42 21.50 -0.54 24.38
CA TYR C 42 21.40 -1.58 25.39
C TYR C 42 22.07 -2.84 24.89
N SER C 43 23.10 -3.29 25.61
CA SER C 43 23.83 -4.50 25.21
C SER C 43 23.01 -5.75 25.49
N LEU C 44 23.03 -6.68 24.54
CA LEU C 44 22.34 -7.96 24.67
C LEU C 44 23.29 -9.12 24.92
N ARG C 45 24.58 -8.83 25.11
CA ARG C 45 25.59 -9.88 25.24
C ARG C 45 25.56 -10.44 26.64
N ASP C 46 25.07 -11.67 26.77
CA ASP C 46 25.04 -12.40 28.05
C ASP C 46 24.19 -11.68 29.09
N GLU C 47 23.18 -10.93 28.66
CA GLU C 47 22.26 -10.27 29.57
C GLU C 47 21.04 -9.82 28.78
N PHE C 48 19.92 -9.67 29.49
CA PHE C 48 18.68 -9.22 28.89
C PHE C 48 18.20 -7.94 29.58
N PRO C 49 17.89 -6.89 28.83
CA PRO C 49 17.59 -5.56 29.44
C PRO C 49 16.18 -5.47 30.00
N LEU C 50 15.96 -6.15 31.12
CA LEU C 50 14.71 -6.06 31.87
C LEU C 50 14.96 -5.20 33.10
N LEU C 51 14.26 -4.06 33.17
CA LEU C 51 14.58 -3.06 34.19
C LEU C 51 14.45 -3.64 35.59
N THR C 52 15.40 -3.26 36.46
CA THR C 52 15.46 -3.77 37.82
C THR C 52 14.97 -2.78 38.87
N THR C 53 14.93 -1.48 38.53
CA THR C 53 14.40 -0.49 39.46
C THR C 53 12.89 -0.59 39.63
N LYS C 54 12.22 -1.38 38.81
CA LYS C 54 10.81 -1.69 38.99
C LYS C 54 10.52 -2.99 38.23
N ARG C 55 9.64 -3.81 38.79
CA ARG C 55 9.32 -5.08 38.15
C ARG C 55 8.57 -4.83 36.85
N VAL C 56 9.16 -5.27 35.74
CA VAL C 56 8.57 -5.08 34.42
C VAL C 56 7.69 -6.28 34.09
N PHE C 57 6.53 -6.01 33.49
CA PHE C 57 5.58 -7.05 33.13
C PHE C 57 6.18 -7.98 32.07
N TRP C 58 6.94 -8.99 32.51
CA TRP C 58 7.63 -9.85 31.56
C TRP C 58 6.65 -10.79 30.84
N LYS C 59 5.62 -11.26 31.54
CA LYS C 59 4.65 -12.15 30.92
C LYS C 59 3.90 -11.45 29.79
N GLY C 60 3.66 -10.14 29.92
CA GLY C 60 3.01 -9.42 28.83
C GLY C 60 3.92 -9.21 27.64
N VAL C 61 5.21 -8.99 27.88
CA VAL C 61 6.16 -8.82 26.79
C VAL C 61 6.21 -10.07 25.93
N LEU C 62 6.36 -11.23 26.58
CA LEU C 62 6.47 -12.50 25.85
C LEU C 62 5.20 -12.80 25.07
N GLU C 63 4.04 -12.71 25.73
CA GLU C 63 2.79 -13.07 25.08
C GLU C 63 2.43 -12.09 23.97
N GLU C 64 2.68 -10.80 24.17
CA GLU C 64 2.34 -9.83 23.14
C GLU C 64 3.19 -10.04 21.89
N LEU C 65 4.48 -10.38 22.07
CA LEU C 65 5.33 -10.62 20.91
C LEU C 65 4.88 -11.88 20.16
N LEU C 66 4.56 -12.95 20.89
CA LEU C 66 3.97 -14.12 20.25
C LEU C 66 2.68 -13.75 19.53
N TRP C 67 1.86 -12.92 20.16
CA TRP C 67 0.66 -12.40 19.51
C TRP C 67 1.01 -11.54 18.31
N PHE C 68 2.13 -10.80 18.37
CA PHE C 68 2.60 -10.04 17.20
C PHE C 68 3.03 -10.97 16.07
N ILE C 69 3.79 -12.01 16.40
CA ILE C 69 4.35 -12.88 15.36
C ILE C 69 3.24 -13.65 14.65
N LYS C 70 2.20 -14.06 15.39
CA LYS C 70 1.06 -14.74 14.80
C LYS C 70 0.36 -13.89 13.74
N GLY C 71 0.52 -12.56 13.80
CA GLY C 71 -0.18 -11.68 12.90
C GLY C 71 -1.56 -11.29 13.34
N SER C 72 -1.94 -11.58 14.58
CA SER C 72 -3.30 -11.34 15.06
C SER C 72 -3.51 -9.87 15.39
N THR C 73 -4.71 -9.38 15.06
CA THR C 73 -5.13 -8.03 15.41
C THR C 73 -6.35 -8.07 16.34
N ASN C 74 -6.48 -9.15 17.11
CA ASN C 74 -7.61 -9.37 18.00
C ASN C 74 -7.11 -9.27 19.44
N ALA C 75 -7.56 -8.24 20.15
CA ALA C 75 -7.16 -8.05 21.54
C ALA C 75 -7.69 -9.17 22.43
N LYS C 76 -8.80 -9.81 22.05
CA LYS C 76 -9.35 -10.88 22.87
C LYS C 76 -8.45 -12.11 22.88
N GLU C 77 -7.78 -12.40 21.74
CA GLU C 77 -6.89 -13.57 21.70
C GLU C 77 -5.67 -13.36 22.59
N LEU C 78 -5.20 -12.12 22.73
CA LEU C 78 -4.13 -11.84 23.70
C LEU C 78 -4.68 -11.80 25.12
N SER C 79 -5.88 -11.26 25.31
CA SER C 79 -6.48 -11.23 26.63
C SER C 79 -6.78 -12.62 27.15
N SER C 80 -7.07 -13.57 26.25
CA SER C 80 -7.31 -14.94 26.66
C SER C 80 -6.09 -15.57 27.31
N LYS C 81 -4.90 -15.13 26.91
CA LYS C 81 -3.67 -15.60 27.53
C LYS C 81 -3.40 -14.96 28.88
N GLY C 82 -4.11 -13.90 29.22
CA GLY C 82 -3.93 -13.20 30.47
C GLY C 82 -3.27 -11.84 30.37
N VAL C 83 -3.31 -11.19 29.22
CA VAL C 83 -2.66 -9.90 29.00
C VAL C 83 -3.73 -8.93 28.53
N LYS C 84 -4.08 -7.97 29.39
CA LYS C 84 -5.19 -7.06 29.14
C LYS C 84 -4.74 -5.69 28.63
N ILE C 85 -3.47 -5.55 28.23
CA ILE C 85 -2.93 -4.24 27.87
C ILE C 85 -3.60 -3.65 26.64
N TRP C 86 -4.20 -4.49 25.79
CA TRP C 86 -4.87 -4.00 24.59
C TRP C 86 -6.39 -4.00 24.72
N ASP C 87 -6.94 -4.49 25.82
CA ASP C 87 -8.39 -4.50 25.99
C ASP C 87 -8.96 -3.09 25.97
N ALA C 88 -8.28 -2.14 26.64
CA ALA C 88 -8.75 -0.76 26.66
C ALA C 88 -8.93 -0.20 25.25
N ASN C 89 -7.90 -0.34 24.41
CA ASN C 89 -7.96 0.17 23.04
C ASN C 89 -8.83 -0.68 22.13
N GLY C 90 -9.46 -1.73 22.65
CA GLY C 90 -10.36 -2.55 21.87
C GLY C 90 -11.72 -2.75 22.54
N SER C 91 -12.21 -1.68 23.17
CA SER C 91 -13.50 -1.70 23.84
C SER C 91 -14.55 -1.02 22.97
N ARG C 92 -15.81 -1.39 23.20
CA ARG C 92 -16.90 -0.83 22.40
C ARG C 92 -16.98 0.68 22.59
N ASP C 93 -16.72 1.15 23.81
CA ASP C 93 -16.70 2.59 24.06
C ASP C 93 -15.58 3.27 23.28
N PHE C 94 -14.36 2.73 23.36
CA PHE C 94 -13.24 3.34 22.66
C PHE C 94 -13.38 3.19 21.15
N LEU C 95 -13.88 2.04 20.69
CA LEU C 95 -14.01 1.82 19.26
C LEU C 95 -15.10 2.70 18.65
N ASP C 96 -16.22 2.86 19.35
CA ASP C 96 -17.29 3.72 18.86
C ASP C 96 -16.84 5.17 18.74
N SER C 97 -15.92 5.60 19.61
CA SER C 97 -15.48 6.99 19.61
C SER C 97 -14.83 7.37 18.29
N LEU C 98 -14.02 6.49 17.72
CA LEU C 98 -13.28 6.80 16.50
C LEU C 98 -14.10 6.60 15.23
N GLY C 99 -15.40 6.33 15.35
CA GLY C 99 -16.24 6.12 14.18
C GLY C 99 -16.26 4.71 13.66
N PHE C 100 -15.66 3.75 14.37
CA PHE C 100 -15.66 2.34 13.97
C PHE C 100 -16.81 1.61 14.65
N SER C 101 -18.03 2.04 14.34
CA SER C 101 -19.22 1.42 14.93
C SER C 101 -19.60 0.11 14.23
N THR C 102 -19.30 0.00 12.94
CA THR C 102 -19.49 -1.26 12.21
C THR C 102 -18.52 -2.34 12.69
N ARG C 103 -17.44 -1.94 13.35
CA ARG C 103 -16.39 -2.87 13.73
C ARG C 103 -16.78 -3.66 14.98
N GLU C 104 -16.49 -4.96 14.96
CA GLU C 104 -16.76 -5.81 16.10
C GLU C 104 -15.79 -5.52 17.23
N GLU C 105 -16.22 -5.81 18.46
CA GLU C 105 -15.40 -5.54 19.64
C GLU C 105 -14.16 -6.42 19.63
N GLY C 106 -13.00 -5.83 19.90
CA GLY C 106 -11.74 -6.52 19.93
C GLY C 106 -10.87 -6.29 18.71
N ASP C 107 -11.45 -5.80 17.61
CA ASP C 107 -10.71 -5.56 16.38
C ASP C 107 -9.96 -4.23 16.51
N LEU C 108 -8.64 -4.32 16.62
CA LEU C 108 -7.80 -3.13 16.66
C LEU C 108 -7.51 -2.54 15.29
N GLY C 109 -7.93 -3.23 14.22
CA GLY C 109 -7.65 -2.78 12.87
C GLY C 109 -6.31 -3.30 12.40
N PRO C 110 -5.81 -2.75 11.29
CA PRO C 110 -4.49 -3.16 10.80
C PRO C 110 -3.37 -2.62 11.67
N VAL C 111 -2.83 -3.46 12.55
CA VAL C 111 -1.84 -3.00 13.53
C VAL C 111 -0.58 -3.83 13.35
N TYR C 112 0.28 -3.86 14.38
CA TYR C 112 1.62 -4.40 14.25
C TYR C 112 1.61 -5.80 13.64
N GLY C 113 0.74 -6.67 14.12
CA GLY C 113 0.73 -8.04 13.62
C GLY C 113 0.33 -8.13 12.16
N PHE C 114 -0.57 -7.27 11.73
CA PHE C 114 -0.99 -7.28 10.32
C PHE C 114 0.08 -6.69 9.42
N GLN C 115 0.74 -5.62 9.87
CA GLN C 115 1.75 -4.97 9.06
C GLN C 115 3.02 -5.80 8.97
N TRP C 116 3.34 -6.55 10.03
CA TRP C 116 4.55 -7.37 10.04
C TRP C 116 4.47 -8.48 9.01
N ARG C 117 3.29 -9.08 8.84
CA ARG C 117 3.14 -10.28 8.04
C ARG C 117 2.39 -10.08 6.73
N HIS C 118 1.59 -9.02 6.61
CA HIS C 118 0.72 -8.84 5.44
C HIS C 118 0.69 -7.37 5.04
N PHE C 119 1.86 -6.76 4.91
CA PHE C 119 1.93 -5.34 4.56
C PHE C 119 1.45 -5.11 3.14
N GLY C 120 0.49 -4.19 2.98
CA GLY C 120 -0.02 -3.82 1.68
C GLY C 120 -1.31 -4.51 1.28
N ALA C 121 -1.71 -5.55 2.00
CA ALA C 121 -2.98 -6.21 1.71
C ALA C 121 -4.15 -5.36 2.15
N GLU C 122 -5.30 -5.54 1.50
CA GLU C 122 -6.51 -4.82 1.86
C GLU C 122 -7.08 -5.44 3.13
N TYR C 123 -7.22 -4.62 4.17
CA TYR C 123 -7.70 -5.11 5.46
C TYR C 123 -9.22 -5.28 5.43
N ARG C 124 -9.68 -6.49 5.73
CA ARG C 124 -11.12 -6.77 5.82
C ARG C 124 -11.57 -6.65 7.27
N ASP C 125 -11.47 -7.74 8.02
CA ASP C 125 -11.73 -7.73 9.45
C ASP C 125 -10.67 -8.57 10.14
N MET C 126 -10.78 -8.68 11.48
CA MET C 126 -9.77 -9.39 12.25
C MET C 126 -9.82 -10.90 12.05
N GLU C 127 -10.96 -11.43 11.64
CA GLU C 127 -11.12 -12.88 11.48
C GLU C 127 -10.80 -13.37 10.08
N SER C 128 -10.34 -12.49 9.19
CA SER C 128 -10.05 -12.90 7.82
C SER C 128 -8.78 -13.74 7.78
N ASP C 129 -8.48 -14.26 6.59
CA ASP C 129 -7.29 -15.06 6.34
C ASP C 129 -6.46 -14.32 5.30
N TYR C 130 -5.28 -13.84 5.70
CA TYR C 130 -4.43 -13.05 4.82
C TYR C 130 -3.20 -13.82 4.37
N SER C 131 -3.12 -15.12 4.64
CA SER C 131 -1.98 -15.91 4.20
C SER C 131 -1.84 -15.83 2.68
N GLY C 132 -0.64 -15.50 2.21
CA GLY C 132 -0.39 -15.29 0.82
C GLY C 132 -0.67 -13.88 0.33
N GLN C 133 -1.20 -13.01 1.19
CA GLN C 133 -1.51 -11.63 0.85
C GLN C 133 -0.56 -10.69 1.58
N GLY C 134 -0.17 -9.63 0.91
CA GLY C 134 0.72 -8.65 1.51
C GLY C 134 2.16 -9.14 1.54
N VAL C 135 3.02 -8.30 2.12
CA VAL C 135 4.44 -8.57 2.21
C VAL C 135 4.74 -9.11 3.60
N ASP C 136 5.34 -10.30 3.67
CA ASP C 136 5.71 -10.91 4.94
C ASP C 136 7.08 -10.36 5.34
N GLN C 137 7.07 -9.21 6.02
CA GLN C 137 8.31 -8.53 6.37
C GLN C 137 9.14 -9.34 7.36
N LEU C 138 8.49 -10.00 8.31
CA LEU C 138 9.24 -10.71 9.35
C LEU C 138 10.04 -11.87 8.77
N GLN C 139 9.42 -12.66 7.90
CA GLN C 139 10.15 -13.78 7.31
C GLN C 139 11.18 -13.30 6.30
N ARG C 140 10.86 -12.24 5.57
CA ARG C 140 11.83 -11.66 4.64
C ARG C 140 13.05 -11.15 5.37
N VAL C 141 12.85 -10.57 6.56
CA VAL C 141 13.99 -10.14 7.39
C VAL C 141 14.86 -11.33 7.75
N ILE C 142 14.24 -12.42 8.20
CA ILE C 142 14.99 -13.60 8.63
C ILE C 142 15.75 -14.23 7.47
N ASP C 143 15.15 -14.20 6.28
CA ASP C 143 15.81 -14.79 5.12
C ASP C 143 17.04 -13.98 4.70
N THR C 144 16.91 -12.65 4.69
CA THR C 144 18.04 -11.81 4.30
C THR C 144 19.20 -11.95 5.27
N ILE C 145 18.91 -12.06 6.56
CA ILE C 145 19.97 -12.26 7.54
C ILE C 145 20.68 -13.58 7.29
N LYS C 146 19.95 -14.59 6.80
CA LYS C 146 20.56 -15.89 6.53
C LYS C 146 21.46 -15.86 5.30
N THR C 147 21.03 -15.17 4.24
CA THR C 147 21.71 -15.24 2.95
C THR C 147 22.59 -14.03 2.66
N ASN C 148 22.26 -12.85 3.18
CA ASN C 148 23.02 -11.63 2.89
C ASN C 148 23.06 -10.77 4.16
N PRO C 149 23.87 -11.15 5.13
CA PRO C 149 23.88 -10.40 6.40
C PRO C 149 24.39 -8.97 6.26
N ASP C 150 25.22 -8.69 5.26
CA ASP C 150 25.76 -7.34 5.08
C ASP C 150 24.75 -6.38 4.47
N ASP C 151 23.56 -6.86 4.11
CA ASP C 151 22.55 -5.99 3.50
C ASP C 151 22.17 -4.86 4.45
N ARG C 152 22.09 -3.65 3.91
CA ARG C 152 21.76 -2.46 4.67
C ARG C 152 20.29 -2.07 4.56
N ARG C 153 19.42 -3.03 4.23
CA ARG C 153 18.01 -2.77 3.98
C ARG C 153 17.13 -3.77 4.74
N ILE C 154 17.63 -4.29 5.85
CA ILE C 154 16.89 -5.24 6.67
C ILE C 154 15.96 -4.47 7.59
N ILE C 155 14.79 -4.09 7.10
CA ILE C 155 13.89 -3.19 7.80
C ILE C 155 12.51 -3.81 7.87
N MET C 156 11.89 -3.72 9.05
CA MET C 156 10.50 -4.11 9.26
C MET C 156 9.74 -2.84 9.64
N CYS C 157 8.88 -2.37 8.74
CA CYS C 157 8.19 -1.11 8.91
C CYS C 157 6.70 -1.34 9.18
N ALA C 158 6.20 -0.77 10.26
CA ALA C 158 4.79 -0.88 10.62
C ALA C 158 3.98 0.36 10.29
N TRP C 159 4.62 1.45 9.89
CA TRP C 159 3.94 2.70 9.59
C TRP C 159 3.43 2.66 8.16
N ASN C 160 2.11 2.49 8.00
CA ASN C 160 1.48 2.45 6.70
C ASN C 160 0.55 3.65 6.57
N PRO C 161 0.95 4.71 5.85
CA PRO C 161 0.08 5.89 5.71
C PRO C 161 -1.27 5.59 5.09
N ARG C 162 -1.39 4.50 4.31
CA ARG C 162 -2.69 4.17 3.72
C ARG C 162 -3.65 3.65 4.79
N ASP C 163 -3.17 2.79 5.68
CA ASP C 163 -4.02 2.17 6.69
C ASP C 163 -4.11 2.99 7.97
N LEU C 164 -3.61 4.22 7.97
CA LEU C 164 -3.66 5.02 9.19
C LEU C 164 -5.07 5.33 9.65
N PRO C 165 -6.01 5.76 8.80
CA PRO C 165 -7.36 6.08 9.30
C PRO C 165 -8.13 4.87 9.80
N LEU C 166 -7.63 3.65 9.62
CA LEU C 166 -8.33 2.45 10.03
C LEU C 166 -7.78 1.86 11.34
N MET C 167 -6.74 2.44 11.90
CA MET C 167 -6.12 1.90 13.10
C MET C 167 -6.73 2.53 14.35
N ALA C 168 -6.94 1.69 15.38
CA ALA C 168 -7.40 2.21 16.66
C ALA C 168 -6.33 3.09 17.29
N LEU C 169 -5.07 2.74 17.11
CA LEU C 169 -3.94 3.53 17.59
C LEU C 169 -2.77 3.35 16.62
N PRO C 170 -2.25 4.44 16.06
CA PRO C 170 -1.16 4.31 15.11
C PRO C 170 0.07 3.70 15.76
N PRO C 171 0.93 3.05 14.99
CA PRO C 171 2.08 2.37 15.58
C PRO C 171 3.04 3.36 16.24
N CYS C 172 3.40 3.07 17.48
CA CYS C 172 4.36 3.89 18.20
C CYS C 172 5.80 3.46 17.91
N HIS C 173 6.07 2.16 18.01
CA HIS C 173 7.32 1.61 17.46
C HIS C 173 7.02 1.27 16.01
N ALA C 174 7.35 2.22 15.12
CA ALA C 174 6.91 2.18 13.73
C ALA C 174 7.89 1.51 12.79
N LEU C 175 9.19 1.56 13.11
CA LEU C 175 10.20 1.06 12.18
C LEU C 175 11.37 0.50 12.97
N CYS C 176 11.87 -0.65 12.53
CA CYS C 176 13.06 -1.24 13.13
C CYS C 176 13.97 -1.76 12.02
N GLN C 177 15.26 -1.81 12.32
CA GLN C 177 16.28 -2.22 11.36
C GLN C 177 17.26 -3.15 12.04
N PHE C 178 17.70 -4.17 11.31
CA PHE C 178 18.62 -5.17 11.84
C PHE C 178 19.99 -5.05 11.17
N TYR C 179 20.99 -5.57 11.86
CA TYR C 179 22.38 -5.34 11.48
C TYR C 179 23.22 -6.50 12.01
N VAL C 180 24.14 -6.98 11.17
CA VAL C 180 24.96 -8.14 11.48
C VAL C 180 26.42 -7.80 11.25
N VAL C 181 27.26 -8.08 12.24
CA VAL C 181 28.70 -8.02 12.09
C VAL C 181 29.33 -8.84 13.21
N ASN C 182 30.44 -9.53 12.89
CA ASN C 182 31.13 -10.41 13.82
C ASN C 182 30.20 -11.46 14.41
N SER C 183 29.30 -11.98 13.57
CA SER C 183 28.30 -12.96 13.97
C SER C 183 27.43 -12.45 15.14
N GLU C 184 27.23 -11.14 15.20
CA GLU C 184 26.35 -10.54 16.20
C GLU C 184 25.20 -9.82 15.51
N LEU C 185 23.99 -10.07 15.97
CA LEU C 185 22.79 -9.44 15.43
C LEU C 185 22.39 -8.27 16.31
N SER C 186 22.22 -7.10 15.70
CA SER C 186 21.81 -5.89 16.40
C SER C 186 20.52 -5.36 15.78
N CYS C 187 19.78 -4.58 16.57
CA CYS C 187 18.49 -4.05 16.17
C CYS C 187 18.36 -2.61 16.64
N GLN C 188 17.90 -1.73 15.76
CA GLN C 188 17.60 -0.35 16.11
C GLN C 188 16.12 -0.10 15.87
N LEU C 189 15.44 0.43 16.90
CA LEU C 189 14.02 0.72 16.85
C LEU C 189 13.80 2.22 16.82
N TYR C 190 13.02 2.69 15.85
CA TYR C 190 12.56 4.08 15.85
C TYR C 190 11.15 4.12 16.45
N GLN C 191 11.04 4.71 17.63
CA GLN C 191 9.75 4.86 18.32
C GLN C 191 9.32 6.30 18.21
N ARG C 192 8.22 6.55 17.50
CA ARG C 192 7.75 7.91 17.27
C ARG C 192 7.26 8.57 18.55
N SER C 193 6.70 7.79 19.47
CA SER C 193 6.13 8.33 20.70
C SER C 193 6.44 7.38 21.84
N GLY C 194 7.03 7.91 22.90
CA GLY C 194 7.44 7.06 24.01
C GLY C 194 6.92 7.50 25.36
N ASP C 195 6.01 6.70 25.93
CA ASP C 195 5.57 6.89 27.31
C ASP C 195 6.69 6.43 28.23
N MET C 196 7.54 7.36 28.67
CA MET C 196 8.76 7.01 29.37
C MET C 196 8.51 6.24 30.66
N GLY C 197 7.32 6.39 31.25
CA GLY C 197 7.02 5.70 32.49
C GLY C 197 6.43 4.32 32.31
N LEU C 198 5.57 4.15 31.30
CA LEU C 198 4.80 2.92 31.13
C LEU C 198 5.31 2.11 29.94
N GLY C 199 5.18 2.63 28.72
CA GLY C 199 5.46 1.84 27.54
C GLY C 199 6.91 1.61 27.22
N VAL C 200 7.76 2.61 27.48
CA VAL C 200 9.16 2.53 27.06
C VAL C 200 9.89 1.34 27.68
N PRO C 201 9.80 1.08 28.99
CA PRO C 201 10.42 -0.15 29.51
C PRO C 201 9.82 -1.41 28.90
N PHE C 202 8.52 -1.40 28.59
CA PHE C 202 7.90 -2.53 27.94
C PHE C 202 8.44 -2.73 26.53
N ASN C 203 8.60 -1.64 25.78
CA ASN C 203 9.08 -1.74 24.41
C ASN C 203 10.54 -2.18 24.35
N ILE C 204 11.35 -1.77 25.33
CA ILE C 204 12.77 -2.14 25.32
C ILE C 204 12.92 -3.65 25.45
N ALA C 205 12.19 -4.26 26.38
CA ALA C 205 12.26 -5.71 26.53
C ALA C 205 11.63 -6.43 25.35
N SER C 206 10.63 -5.83 24.73
CA SER C 206 9.95 -6.47 23.60
C SER C 206 10.91 -6.70 22.44
N TYR C 207 11.50 -5.62 21.92
CA TYR C 207 12.39 -5.75 20.77
C TYR C 207 13.71 -6.41 21.13
N ALA C 208 14.12 -6.36 22.41
CA ALA C 208 15.26 -7.18 22.83
C ALA C 208 14.91 -8.66 22.75
N LEU C 209 13.68 -9.02 23.12
CA LEU C 209 13.24 -10.41 22.99
C LEU C 209 13.16 -10.82 21.52
N LEU C 210 12.70 -9.90 20.66
CA LEU C 210 12.63 -10.21 19.24
C LEU C 210 14.02 -10.47 18.66
N THR C 211 15.02 -9.72 19.11
CA THR C 211 16.39 -9.94 18.64
C THR C 211 16.89 -11.32 19.07
N TYR C 212 16.60 -11.72 20.30
CA TYR C 212 16.99 -13.05 20.76
C TYR C 212 16.33 -14.14 19.91
N MET C 213 15.08 -13.92 19.49
CA MET C 213 14.39 -14.93 18.70
C MET C 213 15.05 -15.08 17.33
N ILE C 214 15.24 -13.96 16.62
CA ILE C 214 15.83 -14.03 15.28
C ILE C 214 17.28 -14.46 15.35
N ALA C 215 17.99 -14.10 16.43
CA ALA C 215 19.37 -14.58 16.60
C ALA C 215 19.39 -16.10 16.76
N HIS C 216 18.43 -16.64 17.51
CA HIS C 216 18.34 -18.09 17.66
C HIS C 216 18.02 -18.77 16.34
N ILE C 217 17.20 -18.13 15.51
CA ILE C 217 16.82 -18.72 14.23
C ILE C 217 17.98 -18.68 13.26
N THR C 218 18.57 -17.49 13.08
CA THR C 218 19.63 -17.30 12.11
C THR C 218 21.00 -17.78 12.61
N GLY C 219 21.07 -18.36 13.81
CA GLY C 219 22.33 -18.84 14.35
C GLY C 219 23.35 -17.78 14.63
N LEU C 220 22.94 -16.69 15.27
CA LEU C 220 23.80 -15.57 15.61
C LEU C 220 23.75 -15.30 17.11
N LYS C 221 24.67 -14.46 17.58
CA LYS C 221 24.72 -14.01 18.96
C LYS C 221 24.09 -12.62 19.08
N PRO C 222 23.26 -12.39 20.10
CA PRO C 222 22.65 -11.07 20.26
C PRO C 222 23.71 -10.01 20.55
N GLY C 223 23.57 -8.86 19.89
CA GLY C 223 24.53 -7.78 20.03
C GLY C 223 24.01 -6.60 20.82
N ASP C 224 23.58 -5.56 20.13
CA ASP C 224 23.08 -4.35 20.75
C ASP C 224 21.65 -4.06 20.31
N PHE C 225 20.86 -3.48 21.21
CA PHE C 225 19.57 -2.93 20.86
C PHE C 225 19.63 -1.42 21.00
N ILE C 226 19.47 -0.71 19.90
CA ILE C 226 19.53 0.74 19.87
C ILE C 226 18.11 1.27 19.83
N HIS C 227 17.69 1.91 20.92
CA HIS C 227 16.36 2.50 21.03
C HIS C 227 16.42 3.97 20.65
N THR C 228 15.74 4.33 19.57
CA THR C 228 15.69 5.70 19.08
C THR C 228 14.29 6.25 19.29
N LEU C 229 14.19 7.36 20.03
CA LEU C 229 12.93 7.95 20.42
C LEU C 229 12.68 9.24 19.65
N GLY C 230 11.42 9.46 19.28
CA GLY C 230 10.98 10.74 18.76
C GLY C 230 10.52 11.65 19.89
N ASP C 231 9.21 11.72 20.12
CA ASP C 231 8.64 12.48 21.24
C ASP C 231 8.74 11.61 22.49
N ALA C 232 9.77 11.85 23.29
CA ALA C 232 9.92 11.17 24.58
C ALA C 232 9.27 12.05 25.65
N HIS C 233 8.19 11.55 26.23
CA HIS C 233 7.35 12.36 27.12
C HIS C 233 7.07 11.63 28.42
N ILE C 234 6.98 12.41 29.49
CA ILE C 234 6.61 11.92 30.81
C ILE C 234 5.26 12.52 31.17
N TYR C 235 4.25 11.67 31.34
CA TYR C 235 2.93 12.15 31.73
C TYR C 235 2.98 12.75 33.13
N LEU C 236 2.08 13.71 33.37
CA LEU C 236 2.10 14.44 34.63
C LEU C 236 1.82 13.50 35.81
N ASN C 237 0.87 12.58 35.65
CA ASN C 237 0.59 11.64 36.73
C ASN C 237 1.64 10.54 36.87
N HIS C 238 2.74 10.62 36.12
CA HIS C 238 3.86 9.69 36.25
C HIS C 238 5.07 10.33 36.91
N ILE C 239 5.03 11.63 37.18
CA ILE C 239 6.20 12.31 37.74
C ILE C 239 6.54 11.73 39.10
N GLU C 240 5.56 11.65 40.00
CA GLU C 240 5.81 11.12 41.33
C GLU C 240 6.28 9.66 41.31
N PRO C 241 5.65 8.74 40.58
CA PRO C 241 6.19 7.37 40.54
C PRO C 241 7.59 7.27 39.96
N LEU C 242 7.94 8.12 38.98
CA LEU C 242 9.27 8.04 38.40
C LEU C 242 10.33 8.63 39.33
N LYS C 243 9.95 9.61 40.16
CA LYS C 243 10.89 10.15 41.14
C LYS C 243 11.22 9.12 42.20
N ILE C 244 10.27 8.24 42.53
CA ILE C 244 10.55 7.15 43.46
C ILE C 244 11.48 6.14 42.82
N GLN C 245 11.16 5.70 41.60
CA GLN C 245 12.02 4.75 40.89
C GLN C 245 13.41 5.31 40.66
N LEU C 246 13.51 6.64 40.49
CA LEU C 246 14.81 7.26 40.29
C LEU C 246 15.70 7.19 41.52
N GLN C 247 15.13 6.90 42.69
CA GLN C 247 15.90 6.78 43.93
C GLN C 247 16.43 5.39 44.18
N ARG C 248 15.90 4.37 43.50
CA ARG C 248 16.30 3.00 43.75
C ARG C 248 17.60 2.67 43.03
N GLU C 249 18.42 1.84 43.68
CA GLU C 249 19.70 1.47 43.12
C GLU C 249 19.53 0.34 42.11
N PRO C 250 20.03 0.49 40.89
CA PRO C 250 19.84 -0.56 39.88
C PRO C 250 20.65 -1.80 40.21
N ARG C 251 20.06 -2.96 39.93
CA ARG C 251 20.67 -4.26 40.13
C ARG C 251 21.04 -4.89 38.79
N PRO C 252 21.98 -5.84 38.78
CA PRO C 252 22.42 -6.43 37.50
C PRO C 252 21.26 -7.05 36.73
N PHE C 253 21.39 -7.01 35.41
CA PHE C 253 20.34 -7.50 34.53
C PHE C 253 20.18 -9.02 34.66
N PRO C 254 18.99 -9.54 34.37
CA PRO C 254 18.81 -11.00 34.35
C PRO C 254 19.36 -11.61 33.07
N LYS C 255 19.07 -12.88 32.84
CA LYS C 255 19.48 -13.56 31.62
C LYS C 255 18.31 -14.34 31.06
N LEU C 256 18.23 -14.39 29.73
CA LEU C 256 17.20 -15.13 29.03
C LEU C 256 17.81 -16.40 28.45
N ARG C 257 17.13 -17.53 28.66
CA ARG C 257 17.59 -18.82 28.15
C ARG C 257 16.48 -19.47 27.36
N ILE C 258 16.76 -19.82 26.11
CA ILE C 258 15.84 -20.62 25.30
C ILE C 258 16.13 -22.09 25.60
N LEU C 259 15.06 -22.86 25.80
CA LEU C 259 15.19 -24.21 26.35
C LEU C 259 15.16 -25.30 25.28
N ARG C 260 14.68 -25.01 24.07
CA ARG C 260 14.66 -26.00 23.01
C ARG C 260 15.08 -25.34 21.71
N LYS C 261 15.69 -26.14 20.83
CA LYS C 261 16.13 -25.64 19.54
C LYS C 261 14.93 -25.41 18.63
N VAL C 262 14.71 -24.15 18.26
CA VAL C 262 13.60 -23.76 17.40
C VAL C 262 14.16 -23.32 16.07
N GLU C 263 13.48 -23.70 14.99
CA GLU C 263 13.96 -23.45 13.64
C GLU C 263 13.11 -22.45 12.86
N LYS C 264 11.81 -22.38 13.12
CA LYS C 264 10.94 -21.39 12.51
C LYS C 264 10.46 -20.40 13.56
N ILE C 265 10.26 -19.15 13.13
CA ILE C 265 9.88 -18.10 14.07
C ILE C 265 8.46 -18.34 14.60
N ASP C 266 7.60 -18.99 13.82
CA ASP C 266 6.23 -19.23 14.24
C ASP C 266 6.13 -20.35 15.28
N ASP C 267 7.14 -21.20 15.39
CA ASP C 267 7.10 -22.35 16.30
C ASP C 267 7.60 -22.02 17.69
N PHE C 268 7.81 -20.75 18.00
CA PHE C 268 8.19 -20.36 19.35
C PHE C 268 6.97 -20.41 20.27
N LYS C 269 7.13 -21.05 21.42
CA LYS C 269 6.09 -21.15 22.43
C LYS C 269 6.54 -20.42 23.69
N ALA C 270 5.57 -19.99 24.48
CA ALA C 270 5.88 -19.23 25.69
C ALA C 270 6.70 -20.05 26.68
N GLU C 271 6.53 -21.37 26.66
CA GLU C 271 7.27 -22.24 27.58
C GLU C 271 8.74 -22.40 27.19
N ASP C 272 9.14 -21.88 26.03
CA ASP C 272 10.52 -22.05 25.56
C ASP C 272 11.49 -21.06 26.20
N PHE C 273 11.01 -20.10 26.98
CA PHE C 273 11.84 -19.03 27.51
C PHE C 273 11.88 -19.08 29.03
N GLN C 274 13.03 -18.70 29.58
CA GLN C 274 13.23 -18.72 31.03
C GLN C 274 14.13 -17.57 31.43
N ILE C 275 13.61 -16.65 32.23
CA ILE C 275 14.37 -15.54 32.77
C ILE C 275 15.02 -15.97 34.08
N GLU C 276 16.35 -15.88 34.14
CA GLU C 276 17.11 -16.33 35.29
C GLU C 276 17.73 -15.13 36.00
N GLY C 277 17.65 -15.14 37.33
CA GLY C 277 18.32 -14.12 38.12
C GLY C 277 17.69 -12.74 38.05
N TYR C 278 16.37 -12.66 37.91
CA TYR C 278 15.67 -11.38 37.85
C TYR C 278 15.20 -11.03 39.27
N ASN C 279 15.89 -10.08 39.89
CA ASN C 279 15.59 -9.63 41.24
C ASN C 279 15.30 -8.14 41.19
N PRO C 280 14.11 -7.75 40.74
CA PRO C 280 13.79 -6.33 40.61
C PRO C 280 13.19 -5.74 41.89
N HIS C 281 13.20 -4.41 41.93
CA HIS C 281 12.48 -3.70 42.97
C HIS C 281 10.97 -3.85 42.76
N PRO C 282 10.16 -3.58 43.79
CA PRO C 282 8.72 -3.81 43.66
C PRO C 282 8.10 -2.99 42.53
N THR C 283 7.02 -3.52 41.97
CA THR C 283 6.31 -2.86 40.89
C THR C 283 5.80 -1.49 41.35
N ILE C 284 5.88 -0.51 40.46
CA ILE C 284 5.38 0.84 40.72
C ILE C 284 4.21 1.09 39.77
N LYS C 285 3.07 1.44 40.34
CA LYS C 285 1.87 1.67 39.54
C LYS C 285 2.00 2.97 38.76
N MET C 286 1.69 2.92 37.46
CA MET C 286 1.71 4.10 36.60
C MET C 286 0.52 3.99 35.66
N GLU C 287 -0.47 4.86 35.86
CA GLU C 287 -1.75 4.74 35.15
C GLU C 287 -1.60 5.08 33.68
N MET C 288 -2.31 4.33 32.84
CA MET C 288 -2.27 4.54 31.40
C MET C 288 -3.17 5.71 31.02
N ALA C 289 -2.65 6.59 30.18
CA ALA C 289 -3.44 7.70 29.64
C ALA C 289 -4.14 7.24 28.37
N VAL C 290 -5.47 7.30 28.37
CA VAL C 290 -6.27 6.84 27.24
C VAL C 290 -6.80 8.02 26.45
N SER D 6 -40.54 -12.93 23.14
CA SER D 6 -40.68 -11.72 22.32
C SER D 6 -39.80 -11.80 21.08
N GLU D 7 -38.53 -12.15 21.26
CA GLU D 7 -37.64 -12.32 20.12
C GLU D 7 -37.98 -13.58 19.34
N LEU D 8 -38.71 -14.51 19.94
CA LEU D 8 -39.15 -15.70 19.24
C LEU D 8 -40.14 -15.39 18.13
N GLN D 9 -40.76 -14.21 18.16
CA GLN D 9 -41.68 -13.84 17.09
C GLN D 9 -40.94 -13.49 15.81
N TYR D 10 -39.81 -12.78 15.92
CA TYR D 10 -39.00 -12.50 14.75
C TYR D 10 -38.39 -13.78 14.19
N LEU D 11 -37.74 -14.57 15.05
CA LEU D 11 -37.16 -15.83 14.61
C LEU D 11 -38.24 -16.77 14.08
N GLY D 12 -39.44 -16.71 14.64
CA GLY D 12 -40.54 -17.50 14.10
C GLY D 12 -41.01 -17.02 12.75
N GLN D 13 -40.88 -15.72 12.48
CA GLN D 13 -41.22 -15.21 11.15
C GLN D 13 -40.19 -15.66 10.12
N ILE D 14 -38.92 -15.73 10.52
CA ILE D 14 -37.88 -16.25 9.63
C ILE D 14 -38.16 -17.72 9.33
N GLN D 15 -38.60 -18.46 10.35
CA GLN D 15 -38.91 -19.88 10.18
C GLN D 15 -40.07 -20.08 9.20
N HIS D 16 -41.12 -19.25 9.31
CA HIS D 16 -42.29 -19.41 8.44
C HIS D 16 -41.96 -19.05 6.99
N ILE D 17 -41.05 -18.10 6.78
CA ILE D 17 -40.73 -17.68 5.42
C ILE D 17 -39.80 -18.68 4.75
N LEU D 18 -38.90 -19.30 5.51
CA LEU D 18 -38.01 -20.32 4.94
C LEU D 18 -38.76 -21.60 4.62
N ARG D 19 -39.86 -21.88 5.33
CA ARG D 19 -40.60 -23.11 5.12
C ARG D 19 -41.74 -22.94 4.12
N CYS D 20 -42.53 -21.88 4.29
CA CYS D 20 -43.71 -21.65 3.47
C CYS D 20 -43.55 -20.51 2.49
N GLY D 21 -42.39 -19.86 2.45
CA GLY D 21 -42.20 -18.76 1.53
C GLY D 21 -42.24 -19.21 0.08
N VAL D 22 -42.62 -18.30 -0.80
CA VAL D 22 -42.75 -18.56 -2.23
C VAL D 22 -41.65 -17.81 -2.97
N ARG D 23 -41.12 -18.42 -4.02
CA ARG D 23 -40.12 -17.76 -4.84
C ARG D 23 -40.74 -16.56 -5.55
N LYS D 24 -39.99 -15.47 -5.61
CA LYS D 24 -40.54 -14.22 -6.14
C LYS D 24 -39.39 -13.33 -6.58
N ASP D 25 -39.40 -12.91 -7.85
CA ASP D 25 -38.42 -11.95 -8.31
C ASP D 25 -38.76 -10.57 -7.76
N ASP D 26 -37.81 -9.65 -7.86
CA ASP D 26 -37.96 -8.35 -7.24
C ASP D 26 -37.25 -7.29 -8.07
N ARG D 27 -37.29 -6.05 -7.56
CA ARG D 27 -36.61 -4.92 -8.19
C ARG D 27 -35.13 -5.23 -8.44
N THR D 28 -34.43 -5.72 -7.42
CA THR D 28 -33.00 -5.99 -7.52
C THR D 28 -32.78 -7.28 -8.32
N GLY D 29 -31.55 -7.77 -8.29
CA GLY D 29 -31.20 -8.97 -9.02
C GLY D 29 -31.63 -10.25 -8.33
N THR D 30 -31.15 -10.47 -7.11
CA THR D 30 -31.43 -11.71 -6.40
C THR D 30 -32.91 -11.82 -6.05
N GLY D 31 -33.46 -13.02 -6.22
CA GLY D 31 -34.84 -13.26 -5.86
C GLY D 31 -35.03 -13.28 -4.35
N THR D 32 -36.25 -13.60 -3.95
CA THR D 32 -36.60 -13.67 -2.55
C THR D 32 -37.51 -14.87 -2.29
N LEU D 33 -37.63 -15.21 -1.01
CA LEU D 33 -38.74 -16.01 -0.50
C LEU D 33 -39.67 -15.04 0.24
N SER D 34 -40.92 -14.94 -0.23
CA SER D 34 -41.81 -13.86 0.20
C SER D 34 -43.05 -14.40 0.89
N VAL D 35 -43.55 -13.63 1.86
CA VAL D 35 -44.82 -13.86 2.53
C VAL D 35 -45.50 -12.51 2.70
N PHE D 36 -46.80 -12.45 2.41
CA PHE D 36 -47.56 -11.20 2.46
C PHE D 36 -48.51 -11.23 3.66
N GLY D 37 -48.34 -10.26 4.55
CA GLY D 37 -49.22 -10.11 5.70
C GLY D 37 -48.71 -10.77 6.96
N MET D 38 -48.07 -10.00 7.84
CA MET D 38 -47.53 -10.51 9.09
C MET D 38 -47.62 -9.44 10.16
N GLN D 39 -47.69 -9.88 11.42
CA GLN D 39 -47.76 -8.96 12.53
C GLN D 39 -47.14 -9.60 13.77
N ALA D 40 -46.24 -8.87 14.41
CA ALA D 40 -45.61 -9.31 15.65
C ALA D 40 -45.68 -8.19 16.68
N ARG D 41 -45.76 -8.58 17.96
CA ARG D 41 -45.91 -7.64 19.06
C ARG D 41 -44.70 -7.75 19.98
N TYR D 42 -44.01 -6.63 20.20
CA TYR D 42 -42.80 -6.59 21.00
C TYR D 42 -43.05 -5.69 22.21
N SER D 43 -42.92 -6.27 23.40
CA SER D 43 -43.16 -5.51 24.62
C SER D 43 -42.00 -4.56 24.90
N LEU D 44 -42.33 -3.35 25.32
CA LEU D 44 -41.34 -2.33 25.65
C LEU D 44 -41.22 -2.11 27.15
N ARG D 45 -41.91 -2.90 27.97
CA ARG D 45 -41.97 -2.71 29.41
C ARG D 45 -40.71 -3.25 30.05
N ASP D 46 -39.85 -2.35 30.53
CA ASP D 46 -38.62 -2.71 31.25
C ASP D 46 -37.67 -3.52 30.39
N GLU D 47 -37.70 -3.32 29.08
CA GLU D 47 -36.78 -3.97 28.16
C GLU D 47 -36.85 -3.27 26.81
N PHE D 48 -35.77 -3.39 26.04
CA PHE D 48 -35.69 -2.81 24.71
C PHE D 48 -35.46 -3.90 23.67
N PRO D 49 -36.26 -3.96 22.61
CA PRO D 49 -36.18 -5.09 21.65
C PRO D 49 -35.02 -4.96 20.68
N LEU D 50 -33.81 -5.16 21.20
CA LEU D 50 -32.60 -5.21 20.39
C LEU D 50 -32.17 -6.68 20.28
N LEU D 51 -32.16 -7.20 19.05
CA LEU D 51 -31.97 -8.63 18.85
C LEU D 51 -30.66 -9.11 19.44
N THR D 52 -30.71 -10.28 20.09
CA THR D 52 -29.54 -10.85 20.75
C THR D 52 -28.91 -11.99 19.97
N THR D 53 -29.63 -12.61 19.04
CA THR D 53 -29.06 -13.65 18.20
C THR D 53 -28.07 -13.11 17.18
N LYS D 54 -28.00 -11.78 17.03
CA LYS D 54 -26.96 -11.15 16.23
C LYS D 54 -26.85 -9.70 16.68
N ARG D 55 -25.64 -9.16 16.68
CA ARG D 55 -25.43 -7.79 17.12
C ARG D 55 -26.07 -6.83 16.13
N VAL D 56 -27.02 -6.03 16.61
CA VAL D 56 -27.74 -5.08 15.78
C VAL D 56 -27.00 -3.74 15.83
N PHE D 57 -26.92 -3.08 14.68
CA PHE D 57 -26.22 -1.80 14.58
C PHE D 57 -26.97 -0.74 15.38
N TRP D 58 -26.69 -0.66 16.69
CA TRP D 58 -27.42 0.27 17.54
C TRP D 58 -27.01 1.71 17.29
N LYS D 59 -25.73 1.95 17.01
CA LYS D 59 -25.27 3.30 16.73
C LYS D 59 -25.93 3.88 15.50
N GLY D 60 -26.24 3.04 14.50
CA GLY D 60 -26.95 3.52 13.33
C GLY D 60 -28.40 3.82 13.61
N VAL D 61 -29.04 3.02 14.47
CA VAL D 61 -30.43 3.25 14.83
C VAL D 61 -30.59 4.61 15.48
N LEU D 62 -29.75 4.90 16.48
CA LEU D 62 -29.85 6.15 17.21
C LEU D 62 -29.60 7.35 16.31
N GLU D 63 -28.50 7.31 15.55
CA GLU D 63 -28.14 8.45 14.71
C GLU D 63 -29.14 8.67 13.59
N GLU D 64 -29.63 7.60 12.99
CA GLU D 64 -30.58 7.75 11.88
C GLU D 64 -31.88 8.38 12.37
N LEU D 65 -32.34 8.00 13.56
CA LEU D 65 -33.56 8.59 14.10
C LEU D 65 -33.37 10.06 14.43
N LEU D 66 -32.25 10.40 15.07
CA LEU D 66 -31.92 11.82 15.27
C LEU D 66 -31.87 12.55 13.94
N TRP D 67 -31.26 11.93 12.93
CA TRP D 67 -31.27 12.49 11.58
C TRP D 67 -32.68 12.60 11.02
N PHE D 68 -33.54 11.63 11.35
CA PHE D 68 -34.95 11.72 10.94
C PHE D 68 -35.67 12.87 11.64
N ILE D 69 -35.45 13.03 12.94
CA ILE D 69 -36.16 14.04 13.70
C ILE D 69 -35.77 15.44 13.24
N LYS D 70 -34.50 15.63 12.90
CA LYS D 70 -34.03 16.92 12.40
C LYS D 70 -34.74 17.32 11.11
N GLY D 71 -35.31 16.37 10.37
CA GLY D 71 -35.93 16.66 9.10
C GLY D 71 -34.98 16.67 7.92
N SER D 72 -33.75 16.20 8.10
CA SER D 72 -32.75 16.26 7.05
C SER D 72 -32.96 15.19 6.00
N THR D 73 -32.73 15.55 4.74
CA THR D 73 -32.76 14.62 3.62
C THR D 73 -31.39 14.50 2.96
N ASN D 74 -30.34 14.70 3.75
CA ASN D 74 -28.96 14.71 3.27
C ASN D 74 -28.26 13.47 3.83
N ALA D 75 -27.91 12.53 2.95
CA ALA D 75 -27.20 11.34 3.38
C ALA D 75 -25.81 11.66 3.91
N LYS D 76 -25.22 12.76 3.45
CA LYS D 76 -23.88 13.13 3.91
C LYS D 76 -23.89 13.58 5.38
N GLU D 77 -24.96 14.25 5.81
CA GLU D 77 -25.03 14.69 7.20
C GLU D 77 -25.14 13.53 8.16
N LEU D 78 -25.77 12.43 7.74
CA LEU D 78 -25.77 11.22 8.56
C LEU D 78 -24.43 10.51 8.47
N SER D 79 -23.80 10.51 7.28
CA SER D 79 -22.49 9.89 7.13
C SER D 79 -21.43 10.62 7.95
N SER D 80 -21.60 11.93 8.16
CA SER D 80 -20.66 12.70 8.96
C SER D 80 -20.63 12.20 10.39
N LYS D 81 -21.75 11.67 10.89
CA LYS D 81 -21.79 11.09 12.22
C LYS D 81 -21.18 9.69 12.27
N GLY D 82 -20.94 9.08 11.12
CA GLY D 82 -20.39 7.75 11.04
C GLY D 82 -21.34 6.65 10.61
N VAL D 83 -22.43 6.99 9.93
CA VAL D 83 -23.45 6.02 9.52
C VAL D 83 -23.60 6.13 8.02
N LYS D 84 -23.16 5.09 7.30
CA LYS D 84 -23.10 5.11 5.85
C LYS D 84 -24.25 4.37 5.19
N ILE D 85 -25.29 4.01 5.94
CA ILE D 85 -26.35 3.17 5.41
C ILE D 85 -27.13 3.83 4.28
N TRP D 86 -27.12 5.15 4.19
CA TRP D 86 -27.82 5.87 3.14
C TRP D 86 -26.89 6.40 2.06
N ASP D 87 -25.57 6.25 2.22
CA ASP D 87 -24.64 6.72 1.21
C ASP D 87 -24.87 6.03 -0.14
N ALA D 88 -25.10 4.72 -0.11
CA ALA D 88 -25.34 3.96 -1.34
C ALA D 88 -26.50 4.56 -2.14
N ASN D 89 -27.64 4.76 -1.50
CA ASN D 89 -28.81 5.29 -2.19
C ASN D 89 -28.71 6.78 -2.47
N GLY D 90 -27.59 7.42 -2.13
CA GLY D 90 -27.38 8.82 -2.44
C GLY D 90 -26.06 9.05 -3.14
N SER D 91 -25.70 8.15 -4.03
CA SER D 91 -24.47 8.21 -4.81
C SER D 91 -24.76 8.71 -6.22
N ARG D 92 -23.72 9.27 -6.85
CA ARG D 92 -23.87 9.82 -8.20
C ARG D 92 -24.28 8.72 -9.18
N ASP D 93 -23.75 7.52 -9.01
CA ASP D 93 -24.15 6.40 -9.87
C ASP D 93 -25.63 6.07 -9.67
N PHE D 94 -26.05 5.91 -8.42
CA PHE D 94 -27.45 5.55 -8.16
C PHE D 94 -28.39 6.71 -8.48
N LEU D 95 -27.97 7.94 -8.21
CA LEU D 95 -28.84 9.08 -8.46
C LEU D 95 -29.04 9.32 -9.95
N ASP D 96 -27.97 9.17 -10.75
CA ASP D 96 -28.10 9.35 -12.18
C ASP D 96 -29.01 8.31 -12.81
N SER D 97 -29.07 7.11 -12.22
CA SER D 97 -29.88 6.03 -12.79
C SER D 97 -31.36 6.38 -12.82
N LEU D 98 -31.86 7.00 -11.75
CA LEU D 98 -33.28 7.30 -11.63
C LEU D 98 -33.69 8.57 -12.38
N GLY D 99 -32.79 9.15 -13.17
CA GLY D 99 -33.09 10.37 -13.88
C GLY D 99 -32.85 11.64 -13.10
N PHE D 100 -32.26 11.54 -11.91
CA PHE D 100 -31.95 12.72 -11.11
C PHE D 100 -30.52 13.17 -11.36
N SER D 101 -30.25 13.52 -12.61
CA SER D 101 -28.93 14.00 -12.99
C SER D 101 -28.73 15.46 -12.64
N THR D 102 -29.81 16.24 -12.67
CA THR D 102 -29.76 17.63 -12.22
C THR D 102 -29.55 17.71 -10.70
N ARG D 103 -29.83 16.63 -9.99
CA ARG D 103 -29.78 16.62 -8.53
C ARG D 103 -28.35 16.46 -8.03
N GLU D 104 -28.01 17.23 -6.99
CA GLU D 104 -26.69 17.16 -6.39
C GLU D 104 -26.53 15.87 -5.58
N GLU D 105 -25.28 15.43 -5.42
CA GLU D 105 -24.99 14.20 -4.70
C GLU D 105 -25.35 14.33 -3.23
N GLY D 106 -26.01 13.31 -2.69
CA GLY D 106 -26.44 13.29 -1.30
C GLY D 106 -27.92 13.56 -1.09
N ASP D 107 -28.60 14.09 -2.10
CA ASP D 107 -30.02 14.40 -2.00
C ASP D 107 -30.84 13.15 -2.20
N LEU D 108 -31.44 12.64 -1.13
CA LEU D 108 -32.35 11.51 -1.22
C LEU D 108 -33.74 11.92 -1.68
N GLY D 109 -34.01 13.22 -1.80
CA GLY D 109 -35.31 13.70 -2.17
C GLY D 109 -36.20 13.86 -0.95
N PRO D 110 -37.50 14.04 -1.16
CA PRO D 110 -38.43 14.12 -0.02
C PRO D 110 -38.63 12.78 0.64
N VAL D 111 -37.95 12.56 1.77
CA VAL D 111 -37.96 11.26 2.42
C VAL D 111 -38.48 11.42 3.84
N TYR D 112 -38.18 10.45 4.70
CA TYR D 112 -38.81 10.37 6.02
C TYR D 112 -38.70 11.69 6.78
N GLY D 113 -37.51 12.29 6.79
CA GLY D 113 -37.33 13.51 7.56
C GLY D 113 -38.16 14.67 7.02
N PHE D 114 -38.30 14.75 5.70
CA PHE D 114 -39.09 15.82 5.11
C PHE D 114 -40.59 15.59 5.30
N GLN D 115 -41.04 14.34 5.19
CA GLN D 115 -42.47 14.06 5.34
C GLN D 115 -42.90 14.14 6.79
N TRP D 116 -42.01 13.81 7.73
CA TRP D 116 -42.36 13.86 9.14
C TRP D 116 -42.63 15.29 9.60
N ARG D 117 -41.85 16.25 9.10
CA ARG D 117 -41.87 17.61 9.61
C ARG D 117 -42.46 18.63 8.65
N HIS D 118 -42.52 18.33 7.35
CA HIS D 118 -42.96 19.30 6.35
C HIS D 118 -43.80 18.61 5.28
N PHE D 119 -44.81 17.85 5.72
CA PHE D 119 -45.63 17.12 4.77
C PHE D 119 -46.49 18.08 3.96
N GLY D 120 -46.43 17.94 2.64
CA GLY D 120 -47.23 18.74 1.73
C GLY D 120 -46.53 19.95 1.15
N ALA D 121 -45.37 20.32 1.70
CA ALA D 121 -44.62 21.44 1.15
C ALA D 121 -43.94 21.05 -0.17
N GLU D 122 -43.70 22.05 -1.00
CA GLU D 122 -43.02 21.83 -2.28
C GLU D 122 -41.52 21.63 -2.01
N TYR D 123 -41.00 20.48 -2.44
CA TYR D 123 -39.61 20.14 -2.20
C TYR D 123 -38.70 20.88 -3.19
N ARG D 124 -37.74 21.63 -2.66
CA ARG D 124 -36.75 22.32 -3.48
C ARG D 124 -35.49 21.47 -3.60
N ASP D 125 -34.57 21.63 -2.65
CA ASP D 125 -33.38 20.79 -2.55
C ASP D 125 -33.14 20.46 -1.07
N MET D 126 -32.09 19.69 -0.80
CA MET D 126 -31.83 19.27 0.58
C MET D 126 -31.30 20.40 1.44
N GLU D 127 -30.73 21.44 0.85
CA GLU D 127 -30.14 22.53 1.62
C GLU D 127 -31.13 23.65 1.90
N SER D 128 -32.39 23.49 1.49
CA SER D 128 -33.39 24.52 1.69
C SER D 128 -33.82 24.58 3.15
N ASP D 129 -34.64 25.58 3.46
CA ASP D 129 -35.21 25.76 4.80
C ASP D 129 -36.73 25.67 4.68
N TYR D 130 -37.32 24.65 5.29
CA TYR D 130 -38.75 24.43 5.21
C TYR D 130 -39.47 24.72 6.52
N SER D 131 -38.78 25.32 7.49
CA SER D 131 -39.41 25.66 8.76
C SER D 131 -40.62 26.57 8.52
N GLY D 132 -41.76 26.19 9.10
CA GLY D 132 -43.00 26.89 8.87
C GLY D 132 -43.76 26.44 7.65
N GLN D 133 -43.22 25.52 6.86
CA GLN D 133 -43.85 25.01 5.65
C GLN D 133 -44.24 23.55 5.87
N GLY D 134 -45.38 23.16 5.31
CA GLY D 134 -45.84 21.80 5.44
C GLY D 134 -46.42 21.51 6.80
N VAL D 135 -46.83 20.25 6.97
CA VAL D 135 -47.46 19.78 8.20
C VAL D 135 -46.42 19.10 9.05
N ASP D 136 -46.24 19.55 10.29
CA ASP D 136 -45.30 18.96 11.23
C ASP D 136 -46.01 17.81 11.94
N GLN D 137 -45.96 16.63 11.33
CA GLN D 137 -46.68 15.48 11.86
C GLN D 137 -46.13 15.04 13.21
N LEU D 138 -44.81 15.10 13.38
CA LEU D 138 -44.21 14.60 14.61
C LEU D 138 -44.64 15.41 15.82
N GLN D 139 -44.65 16.74 15.69
CA GLN D 139 -45.05 17.57 16.83
C GLN D 139 -46.54 17.46 17.08
N ARG D 140 -47.34 17.33 16.03
CA ARG D 140 -48.77 17.14 16.21
C ARG D 140 -49.06 15.84 16.96
N VAL D 141 -48.27 14.80 16.70
CA VAL D 141 -48.42 13.55 17.42
C VAL D 141 -48.16 13.77 18.91
N ILE D 142 -47.08 14.47 19.23
CA ILE D 142 -46.71 14.69 20.63
C ILE D 142 -47.75 15.56 21.33
N ASP D 143 -48.30 16.55 20.63
CA ASP D 143 -49.29 17.43 21.25
C ASP D 143 -50.59 16.69 21.51
N THR D 144 -51.05 15.88 20.55
CA THR D 144 -52.31 15.16 20.74
C THR D 144 -52.21 14.15 21.87
N ILE D 145 -51.06 13.49 22.00
CA ILE D 145 -50.88 12.56 23.12
C ILE D 145 -50.91 13.31 24.44
N LYS D 146 -50.46 14.56 24.46
CA LYS D 146 -50.45 15.33 25.69
C LYS D 146 -51.86 15.76 26.09
N THR D 147 -52.68 16.18 25.13
CA THR D 147 -53.97 16.79 25.43
C THR D 147 -55.15 15.85 25.22
N ASN D 148 -55.06 14.89 24.30
CA ASN D 148 -56.17 13.99 23.98
C ASN D 148 -55.63 12.60 23.69
N PRO D 149 -55.21 11.86 24.72
CA PRO D 149 -54.62 10.53 24.48
C PRO D 149 -55.59 9.52 23.89
N ASP D 150 -56.89 9.69 24.10
CA ASP D 150 -57.88 8.76 23.58
C ASP D 150 -58.12 8.92 22.08
N ASP D 151 -57.49 9.91 21.45
CA ASP D 151 -57.70 10.13 20.03
C ASP D 151 -57.23 8.91 19.23
N ARG D 152 -58.06 8.51 18.26
CA ARG D 152 -57.79 7.36 17.42
C ARG D 152 -57.20 7.74 16.06
N ARG D 153 -56.56 8.92 15.99
CA ARG D 153 -56.05 9.45 14.74
C ARG D 153 -54.62 9.97 14.89
N ILE D 154 -53.88 9.40 15.85
CA ILE D 154 -52.50 9.81 16.10
C ILE D 154 -51.60 9.06 15.11
N ILE D 155 -51.48 9.59 13.91
CA ILE D 155 -50.83 8.89 12.80
C ILE D 155 -49.76 9.79 12.21
N MET D 156 -48.59 9.21 11.94
CA MET D 156 -47.52 9.87 11.21
C MET D 156 -47.31 9.11 9.92
N CYS D 157 -47.66 9.72 8.79
CA CYS D 157 -47.65 9.06 7.50
C CYS D 157 -46.51 9.62 6.64
N ALA D 158 -45.66 8.73 6.13
CA ALA D 158 -44.56 9.13 5.26
C ALA D 158 -44.83 8.85 3.79
N TRP D 159 -45.92 8.17 3.46
CA TRP D 159 -46.24 7.82 2.08
C TRP D 159 -46.97 8.99 1.44
N ASN D 160 -46.29 9.71 0.55
CA ASN D 160 -46.88 10.83 -0.17
C ASN D 160 -46.96 10.48 -1.65
N PRO D 161 -48.13 10.09 -2.16
CA PRO D 161 -48.23 9.71 -3.58
C PRO D 161 -47.84 10.82 -4.54
N ARG D 162 -47.96 12.09 -4.12
CA ARG D 162 -47.58 13.19 -5.01
C ARG D 162 -46.06 13.28 -5.15
N ASP D 163 -45.33 13.14 -4.04
CA ASP D 163 -43.88 13.27 -4.03
C ASP D 163 -43.15 11.97 -4.32
N LEU D 164 -43.85 10.92 -4.75
CA LEU D 164 -43.21 9.64 -5.01
C LEU D 164 -42.17 9.71 -6.14
N PRO D 165 -42.44 10.30 -7.30
CA PRO D 165 -41.44 10.28 -8.38
C PRO D 165 -40.16 11.04 -8.07
N LEU D 166 -40.09 11.77 -6.96
CA LEU D 166 -38.91 12.55 -6.61
C LEU D 166 -38.05 11.89 -5.55
N MET D 167 -38.46 10.73 -5.03
CA MET D 167 -37.73 10.07 -3.96
C MET D 167 -36.69 9.10 -4.51
N ALA D 168 -35.51 9.09 -3.88
CA ALA D 168 -34.49 8.12 -4.24
C ALA D 168 -34.94 6.70 -3.91
N LEU D 169 -35.68 6.54 -2.81
CA LEU D 169 -36.23 5.26 -2.41
C LEU D 169 -37.54 5.49 -1.68
N PRO D 170 -38.65 4.92 -2.15
CA PRO D 170 -39.93 5.16 -1.49
C PRO D 170 -39.91 4.65 -0.07
N PRO D 171 -40.74 5.23 0.81
CA PRO D 171 -40.70 4.84 2.22
C PRO D 171 -41.13 3.39 2.40
N CYS D 172 -40.31 2.63 3.14
CA CYS D 172 -40.63 1.24 3.46
C CYS D 172 -41.49 1.15 4.71
N HIS D 173 -41.08 1.82 5.79
CA HIS D 173 -41.97 2.05 6.93
C HIS D 173 -42.75 3.32 6.61
N ALA D 174 -43.94 3.14 6.05
CA ALA D 174 -44.69 4.24 5.46
C ALA D 174 -45.66 4.91 6.42
N LEU D 175 -46.19 4.18 7.41
CA LEU D 175 -47.22 4.73 8.26
C LEU D 175 -47.09 4.12 9.66
N CYS D 176 -47.24 4.97 10.68
CA CYS D 176 -47.23 4.49 12.06
C CYS D 176 -48.34 5.19 12.83
N GLN D 177 -48.83 4.51 13.86
CA GLN D 177 -49.93 5.00 14.67
C GLN D 177 -49.60 4.79 16.15
N PHE D 178 -49.98 5.75 16.98
CA PHE D 178 -49.71 5.70 18.40
C PHE D 178 -51.00 5.53 19.19
N TYR D 179 -50.86 5.03 20.41
CA TYR D 179 -52.00 4.59 21.20
C TYR D 179 -51.62 4.67 22.67
N VAL D 180 -52.56 5.16 23.49
CA VAL D 180 -52.34 5.39 24.91
C VAL D 180 -53.47 4.75 25.70
N VAL D 181 -53.11 3.93 26.69
CA VAL D 181 -54.07 3.43 27.67
C VAL D 181 -53.30 2.97 28.89
N ASN D 182 -53.88 3.18 30.07
CA ASN D 182 -53.26 2.84 31.36
C ASN D 182 -51.90 3.51 31.51
N SER D 183 -51.80 4.76 31.04
CA SER D 183 -50.55 5.53 31.03
C SER D 183 -49.42 4.78 30.32
N GLU D 184 -49.76 3.98 29.32
CA GLU D 184 -48.78 3.29 28.49
C GLU D 184 -48.93 3.75 27.05
N LEU D 185 -47.80 4.09 26.42
CA LEU D 185 -47.78 4.51 25.03
C LEU D 185 -47.36 3.33 24.16
N SER D 186 -48.18 3.02 23.16
CA SER D 186 -47.91 1.96 22.21
C SER D 186 -47.86 2.52 20.79
N CYS D 187 -47.15 1.80 19.91
CA CYS D 187 -46.93 2.22 18.54
C CYS D 187 -47.07 1.02 17.61
N GLN D 188 -47.81 1.21 16.51
CA GLN D 188 -47.91 0.21 15.47
C GLN D 188 -47.35 0.77 14.17
N LEU D 189 -46.42 0.02 13.56
CA LEU D 189 -45.78 0.43 12.32
C LEU D 189 -46.28 -0.46 11.19
N TYR D 190 -46.75 0.17 10.10
CA TYR D 190 -47.05 -0.55 8.87
C TYR D 190 -45.85 -0.41 7.93
N GLN D 191 -45.13 -1.51 7.72
CA GLN D 191 -43.98 -1.56 6.83
C GLN D 191 -44.38 -2.27 5.54
N ARG D 192 -44.37 -1.54 4.42
CA ARG D 192 -44.82 -2.10 3.16
C ARG D 192 -43.87 -3.18 2.65
N SER D 193 -42.58 -3.06 2.95
CA SER D 193 -41.58 -3.99 2.45
C SER D 193 -40.55 -4.23 3.53
N GLY D 194 -40.31 -5.49 3.86
CA GLY D 194 -39.39 -5.83 4.92
C GLY D 194 -38.27 -6.79 4.54
N ASP D 195 -37.05 -6.28 4.50
CA ASP D 195 -35.86 -7.13 4.35
C ASP D 195 -35.62 -7.87 5.65
N MET D 196 -36.14 -9.10 5.75
CA MET D 196 -36.17 -9.81 7.02
C MET D 196 -34.79 -10.03 7.62
N GLY D 197 -33.73 -10.03 6.80
CA GLY D 197 -32.39 -10.25 7.30
C GLY D 197 -31.68 -8.98 7.73
N LEU D 198 -31.88 -7.89 6.99
CA LEU D 198 -31.10 -6.68 7.19
C LEU D 198 -31.93 -5.57 7.83
N GLY D 199 -32.96 -5.08 7.15
CA GLY D 199 -33.67 -3.91 7.61
C GLY D 199 -34.62 -4.15 8.77
N VAL D 200 -35.29 -5.31 8.79
CA VAL D 200 -36.33 -5.54 9.78
C VAL D 200 -35.82 -5.46 11.21
N PRO D 201 -34.71 -6.11 11.59
CA PRO D 201 -34.18 -5.87 12.95
C PRO D 201 -33.81 -4.43 13.20
N PHE D 202 -33.32 -3.73 12.17
CA PHE D 202 -33.00 -2.32 12.31
C PHE D 202 -34.26 -1.49 12.52
N ASN D 203 -35.32 -1.79 11.77
CA ASN D 203 -36.56 -1.03 11.88
C ASN D 203 -37.26 -1.27 13.21
N ILE D 204 -37.16 -2.49 13.76
CA ILE D 204 -37.83 -2.79 15.02
C ILE D 204 -37.25 -1.94 16.14
N ALA D 205 -35.92 -1.87 16.22
CA ALA D 205 -35.29 -1.04 17.24
C ALA D 205 -35.51 0.44 16.98
N SER D 206 -35.64 0.84 15.71
CA SER D 206 -35.81 2.24 15.38
C SER D 206 -37.10 2.80 15.98
N TYR D 207 -38.24 2.20 15.63
CA TYR D 207 -39.52 2.70 16.12
C TYR D 207 -39.73 2.38 17.58
N ALA D 208 -39.06 1.37 18.12
CA ALA D 208 -39.05 1.18 19.57
C ALA D 208 -38.35 2.34 20.26
N LEU D 209 -37.25 2.82 19.66
CA LEU D 209 -36.56 3.98 20.22
C LEU D 209 -37.43 5.24 20.11
N LEU D 210 -38.16 5.38 19.01
CA LEU D 210 -39.04 6.53 18.86
C LEU D 210 -40.14 6.52 19.93
N THR D 211 -40.67 5.34 20.26
CA THR D 211 -41.68 5.25 21.30
C THR D 211 -41.12 5.66 22.66
N TYR D 212 -39.89 5.23 22.97
CA TYR D 212 -39.24 5.64 24.20
C TYR D 212 -39.08 7.16 24.26
N MET D 213 -38.77 7.79 23.12
CA MET D 213 -38.58 9.23 23.10
C MET D 213 -39.89 9.96 23.40
N ILE D 214 -40.95 9.62 22.67
CA ILE D 214 -42.23 10.30 22.86
C ILE D 214 -42.82 9.96 24.22
N ALA D 215 -42.57 8.75 24.73
CA ALA D 215 -43.02 8.41 26.08
C ALA D 215 -42.31 9.29 27.11
N HIS D 216 -41.02 9.54 26.91
CA HIS D 216 -40.29 10.42 27.81
C HIS D 216 -40.82 11.84 27.74
N ILE D 217 -41.20 12.29 26.54
CA ILE D 217 -41.68 13.67 26.37
C ILE D 217 -43.07 13.81 26.98
N THR D 218 -44.00 12.94 26.60
CA THR D 218 -45.38 13.03 27.07
C THR D 218 -45.58 12.48 28.47
N GLY D 219 -44.52 12.06 29.16
CA GLY D 219 -44.63 11.55 30.51
C GLY D 219 -45.42 10.26 30.63
N LEU D 220 -45.14 9.30 29.76
CA LEU D 220 -45.81 8.01 29.74
C LEU D 220 -44.80 6.89 29.85
N LYS D 221 -45.30 5.68 30.07
CA LYS D 221 -44.49 4.48 30.11
C LYS D 221 -44.59 3.73 28.79
N PRO D 222 -43.47 3.26 28.24
CA PRO D 222 -43.53 2.53 26.97
C PRO D 222 -44.31 1.24 27.10
N GLY D 223 -45.17 0.97 26.11
CA GLY D 223 -46.03 -0.19 26.15
C GLY D 223 -45.63 -1.28 25.17
N ASP D 224 -46.31 -1.34 24.03
CA ASP D 224 -46.05 -2.36 23.03
C ASP D 224 -45.69 -1.70 21.70
N PHE D 225 -44.82 -2.37 20.94
CA PHE D 225 -44.55 -2.02 19.55
C PHE D 225 -45.09 -3.12 18.65
N ILE D 226 -46.08 -2.79 17.84
CA ILE D 226 -46.71 -3.74 16.92
C ILE D 226 -46.13 -3.50 15.53
N HIS D 227 -45.34 -4.46 15.05
CA HIS D 227 -44.74 -4.37 13.72
C HIS D 227 -45.62 -5.12 12.73
N THR D 228 -46.19 -4.39 11.77
CA THR D 228 -47.04 -4.96 10.73
C THR D 228 -46.32 -4.90 9.40
N LEU D 229 -46.15 -6.05 8.77
CA LEU D 229 -45.40 -6.17 7.53
C LEU D 229 -46.33 -6.43 6.35
N GLY D 230 -45.99 -5.83 5.21
CA GLY D 230 -46.64 -6.17 3.95
C GLY D 230 -45.91 -7.30 3.26
N ASP D 231 -45.04 -6.98 2.32
CA ASP D 231 -44.19 -7.98 1.66
C ASP D 231 -43.00 -8.25 2.57
N ALA D 232 -43.08 -9.33 3.35
CA ALA D 232 -41.97 -9.78 4.17
C ALA D 232 -41.17 -10.81 3.37
N HIS D 233 -39.94 -10.46 3.00
CA HIS D 233 -39.15 -11.24 2.06
C HIS D 233 -37.76 -11.50 2.59
N ILE D 234 -37.23 -12.67 2.25
CA ILE D 234 -35.87 -13.07 2.58
C ILE D 234 -35.08 -13.16 1.28
N TYR D 235 -34.06 -12.33 1.14
CA TYR D 235 -33.22 -12.38 -0.05
C TYR D 235 -32.46 -13.70 -0.13
N LEU D 236 -32.17 -14.14 -1.35
CA LEU D 236 -31.54 -15.44 -1.55
C LEU D 236 -30.17 -15.50 -0.89
N ASN D 237 -29.37 -14.44 -1.02
CA ASN D 237 -28.05 -14.42 -0.39
C ASN D 237 -28.11 -14.20 1.12
N HIS D 238 -29.30 -14.21 1.72
CA HIS D 238 -29.46 -14.13 3.16
C HIS D 238 -29.90 -15.45 3.78
N ILE D 239 -30.17 -16.47 2.98
CA ILE D 239 -30.66 -17.74 3.51
C ILE D 239 -29.63 -18.36 4.44
N GLU D 240 -28.39 -18.48 3.96
CA GLU D 240 -27.34 -19.08 4.78
C GLU D 240 -27.07 -18.29 6.05
N PRO D 241 -26.92 -16.95 6.03
CA PRO D 241 -26.71 -16.23 7.30
C PRO D 241 -27.89 -16.34 8.26
N LEU D 242 -29.12 -16.42 7.76
CA LEU D 242 -30.27 -16.51 8.66
C LEU D 242 -30.40 -17.90 9.27
N LYS D 243 -30.01 -18.95 8.54
CA LYS D 243 -30.05 -20.29 9.11
C LYS D 243 -29.03 -20.45 10.22
N ILE D 244 -27.92 -19.69 10.16
CA ILE D 244 -26.96 -19.68 11.25
C ILE D 244 -27.57 -19.00 12.47
N GLN D 245 -28.16 -17.82 12.27
CA GLN D 245 -28.79 -17.09 13.36
C GLN D 245 -29.93 -17.88 13.99
N LEU D 246 -30.61 -18.71 13.20
CA LEU D 246 -31.70 -19.53 13.74
C LEU D 246 -31.19 -20.61 14.69
N GLN D 247 -29.89 -20.90 14.66
CA GLN D 247 -29.32 -21.91 15.55
C GLN D 247 -28.88 -21.35 16.88
N ARG D 248 -28.74 -20.03 16.99
CA ARG D 248 -28.25 -19.42 18.22
C ARG D 248 -29.37 -19.28 19.24
N GLU D 249 -29.02 -19.44 20.51
CA GLU D 249 -30.01 -19.37 21.60
C GLU D 249 -30.26 -17.91 21.97
N PRO D 250 -31.51 -17.48 22.00
CA PRO D 250 -31.79 -16.07 22.33
C PRO D 250 -31.48 -15.76 23.78
N ARG D 251 -30.93 -14.57 24.01
CA ARG D 251 -30.59 -14.08 25.33
C ARG D 251 -31.54 -12.95 25.73
N PRO D 252 -31.71 -12.68 27.03
CA PRO D 252 -32.65 -11.64 27.46
C PRO D 252 -32.34 -10.29 26.83
N PHE D 253 -33.39 -9.51 26.61
CA PHE D 253 -33.25 -8.21 25.96
C PHE D 253 -32.48 -7.25 26.86
N PRO D 254 -31.82 -6.25 26.28
CA PRO D 254 -31.18 -5.21 27.10
C PRO D 254 -32.19 -4.21 27.60
N LYS D 255 -31.70 -3.11 28.19
CA LYS D 255 -32.56 -2.03 28.67
C LYS D 255 -32.01 -0.70 28.21
N LEU D 256 -32.90 0.23 27.89
CA LEU D 256 -32.54 1.57 27.47
C LEU D 256 -32.80 2.55 28.61
N ARG D 257 -31.83 3.41 28.88
CA ARG D 257 -31.95 4.41 29.94
C ARG D 257 -31.66 5.79 29.36
N ILE D 258 -32.60 6.71 29.53
CA ILE D 258 -32.39 8.12 29.20
C ILE D 258 -31.76 8.80 30.41
N LEU D 259 -30.72 9.60 30.17
CA LEU D 259 -29.90 10.11 31.25
C LEU D 259 -30.25 11.52 31.70
N ARG D 260 -30.98 12.29 30.90
CA ARG D 260 -31.37 13.63 31.30
C ARG D 260 -32.81 13.89 30.89
N LYS D 261 -33.49 14.74 31.66
CA LYS D 261 -34.87 15.08 31.38
C LYS D 261 -34.93 16.01 30.18
N VAL D 262 -35.57 15.55 29.11
CA VAL D 262 -35.73 16.31 27.88
C VAL D 262 -37.19 16.68 27.71
N GLU D 263 -37.45 17.90 27.25
CA GLU D 263 -38.81 18.43 27.13
C GLU D 263 -39.26 18.59 25.69
N LYS D 264 -38.36 18.86 24.76
CA LYS D 264 -38.69 18.94 23.35
C LYS D 264 -38.03 17.79 22.61
N ILE D 265 -38.71 17.31 21.55
CA ILE D 265 -38.20 16.17 20.81
C ILE D 265 -36.94 16.52 20.04
N ASP D 266 -36.79 17.79 19.66
CA ASP D 266 -35.62 18.22 18.90
C ASP D 266 -34.36 18.32 19.74
N ASP D 267 -34.49 18.41 21.06
CA ASP D 267 -33.35 18.59 21.94
C ASP D 267 -32.74 17.28 22.41
N PHE D 268 -33.14 16.15 21.82
CA PHE D 268 -32.52 14.88 22.14
C PHE D 268 -31.15 14.78 21.47
N LYS D 269 -30.14 14.42 22.25
CA LYS D 269 -28.79 14.21 21.76
C LYS D 269 -28.42 12.73 21.90
N ALA D 270 -27.46 12.30 21.08
CA ALA D 270 -27.08 10.89 21.08
C ALA D 270 -26.49 10.46 22.43
N GLU D 271 -25.87 11.39 23.15
CA GLU D 271 -25.26 11.06 24.43
C GLU D 271 -26.29 10.85 25.54
N ASP D 272 -27.57 11.11 25.28
CA ASP D 272 -28.60 10.98 26.31
C ASP D 272 -29.05 9.54 26.53
N PHE D 273 -28.59 8.59 25.72
CA PHE D 273 -29.08 7.23 25.77
C PHE D 273 -27.97 6.27 26.17
N GLN D 274 -28.36 5.21 26.89
CA GLN D 274 -27.41 4.22 27.36
C GLN D 274 -28.08 2.85 27.35
N ILE D 275 -27.55 1.95 26.55
CA ILE D 275 -28.04 0.58 26.47
C ILE D 275 -27.29 -0.25 27.51
N GLU D 276 -28.03 -0.87 28.42
CA GLU D 276 -27.45 -1.63 29.51
C GLU D 276 -27.73 -3.12 29.33
N GLY D 277 -26.72 -3.94 29.57
CA GLY D 277 -26.89 -5.38 29.56
C GLY D 277 -27.13 -5.99 28.19
N TYR D 278 -26.53 -5.43 27.14
CA TYR D 278 -26.67 -5.95 25.79
C TYR D 278 -25.53 -6.92 25.51
N ASN D 279 -25.84 -8.23 25.53
CA ASN D 279 -24.87 -9.29 25.31
C ASN D 279 -25.33 -10.11 24.10
N PRO D 280 -25.13 -9.61 22.89
CA PRO D 280 -25.61 -10.32 21.70
C PRO D 280 -24.58 -11.31 21.16
N HIS D 281 -25.07 -12.20 20.32
CA HIS D 281 -24.21 -13.07 19.55
C HIS D 281 -23.45 -12.26 18.50
N PRO D 282 -22.35 -12.79 17.96
CA PRO D 282 -21.55 -11.98 17.02
C PRO D 282 -22.33 -11.55 15.80
N THR D 283 -21.93 -10.42 15.23
CA THR D 283 -22.58 -9.87 14.05
C THR D 283 -22.48 -10.85 12.89
N ILE D 284 -23.56 -10.95 12.11
CA ILE D 284 -23.61 -11.78 10.93
C ILE D 284 -23.74 -10.87 9.72
N LYS D 285 -22.81 -10.99 8.77
CA LYS D 285 -22.82 -10.14 7.60
C LYS D 285 -23.95 -10.54 6.66
N MET D 286 -24.72 -9.55 6.20
CA MET D 286 -25.81 -9.76 5.25
C MET D 286 -25.79 -8.62 4.26
N GLU D 287 -25.41 -8.91 3.02
CA GLU D 287 -25.18 -7.86 2.03
C GLU D 287 -26.49 -7.22 1.60
N MET D 288 -26.46 -5.89 1.43
CA MET D 288 -27.63 -5.13 1.01
C MET D 288 -27.81 -5.24 -0.51
N ALA D 289 -29.05 -5.48 -0.92
CA ALA D 289 -29.40 -5.52 -2.34
C ALA D 289 -29.73 -4.11 -2.82
N VAL D 290 -29.00 -3.64 -3.82
CA VAL D 290 -29.18 -2.29 -4.34
C VAL D 290 -29.92 -2.33 -5.67
N1 UMP E . 23.24 7.14 0.26
C2 UMP E . 23.27 8.12 1.28
N3 UMP E . 22.30 9.12 1.22
C4 UMP E . 21.30 9.24 0.25
C5 UMP E . 21.33 8.21 -0.78
C6 UMP E . 22.28 7.23 -0.73
O2 UMP E . 24.10 8.11 2.19
O4 UMP E . 20.50 10.17 0.29
C1' UMP E . 24.25 6.01 0.22
C2' UMP E . 24.15 5.03 1.40
C3' UMP E . 24.75 3.79 0.74
C4' UMP E . 24.23 3.87 -0.69
O3' UMP E . 26.17 3.82 0.81
O4' UMP E . 24.05 5.26 -0.94
C5' UMP E . 22.90 3.13 -0.90
O5' UMP E . 23.04 1.73 -1.11
P UMP E . 22.31 0.61 -0.19
OP1 UMP E . 23.23 -0.70 -0.47
OP2 UMP E . 20.85 0.40 -0.43
OP3 UMP E . 22.77 1.02 1.31
N1 OE7 F . 25.54 5.97 -3.65
C1 OE7 F . 24.64 7.01 -3.73
O1 OE7 F . 25.86 9.27 -1.26
N2 OE7 F . 26.60 7.26 -1.93
C2 OE7 F . 24.66 8.16 -2.98
O2 OE7 F . 26.92 15.62 -3.28
N3 OE7 F . 23.56 7.08 -4.59
C3 OE7 F . 25.74 8.29 -1.99
O3 OE7 F . 27.60 13.28 -7.64
N4 OE7 F . 27.48 5.22 -2.52
C4 OE7 F . 26.48 6.13 -2.77
O4 OE7 F . 27.36 14.69 -9.42
C5 OE7 F . 23.54 8.97 -3.39
N5 OE7 F . 27.23 14.76 -5.38
C6 OE7 F . 22.89 8.26 -4.38
C10 OE7 F . 25.05 13.61 -2.63
C11 OE7 F . 25.79 13.61 -3.82
C12 OE7 F . 25.68 12.52 -4.71
C13 OE7 F . 24.82 11.44 -4.40
C14 OE7 F . 26.71 14.76 -4.13
C15 OE7 F . 28.12 15.67 -6.01
C16 OE7 F . 28.77 16.69 -5.27
C17 OE7 F . 29.65 17.59 -5.90
C18 OE7 F . 29.90 17.48 -7.27
C19 OE7 F . 29.27 16.47 -8.02
C20 OE7 F . 28.38 15.55 -7.41
C21 OE7 F . 27.73 14.49 -8.26
C7 OE7 F . 23.14 10.32 -2.85
C8 OE7 F . 24.07 11.45 -3.21
C9 OE7 F . 24.19 12.54 -2.32
CL1 OE7 F . 30.42 18.83 -4.98
N1 UMP G . 2.88 -12.22 -33.88
C2 UMP G . 3.87 -11.56 -34.64
N3 UMP G . 5.19 -12.00 -34.49
C4 UMP G . 5.62 -13.03 -33.64
C5 UMP G . 4.55 -13.67 -32.89
C6 UMP G . 3.27 -13.25 -33.03
O2 UMP G . 3.61 -10.63 -35.40
O4 UMP G . 6.80 -13.33 -33.58
C1' UMP G . 1.43 -11.81 -33.96
C2' UMP G . 0.76 -12.06 -35.31
C3' UMP G . -0.68 -12.15 -34.87
C4' UMP G . -0.57 -12.90 -33.52
O3' UMP G . -1.26 -10.87 -34.70
O4' UMP G . 0.71 -12.54 -33.01
C5' UMP G . -0.67 -14.43 -33.67
O5' UMP G . -2.00 -14.91 -33.74
P UMP G . -2.58 -15.81 -34.98
OP1 UMP G . -2.15 -17.24 -34.99
OP2 UMP G . -4.17 -15.56 -34.86
OP3 UMP G . -2.20 -14.92 -36.28
N1 OE7 H . 0.22 -11.58 -30.18
C1 OE7 H . 1.55 -11.96 -29.97
O1 OE7 H . 3.35 -9.30 -31.52
N2 OE7 H . 1.14 -9.66 -31.28
C2 OE7 H . 2.65 -11.27 -30.38
O2 OE7 H . 8.14 -6.28 -27.86
N3 OE7 H . 1.95 -13.10 -29.33
C3 OE7 H . 2.42 -10.00 -31.10
O3 OE7 H . 4.56 -6.64 -22.47
N4 OE7 H . -1.15 -9.90 -31.13
C4 OE7 H . 0.07 -10.45 -30.82
O4 OE7 H . 5.43 -8.05 -24.04
C5 OE7 H . 3.81 -12.01 -29.95
N5 OE7 H . 6.72 -6.76 -26.12
C6 OE7 H . 3.33 -13.13 -29.32
C10 OE7 H . 7.33 -8.60 -29.28
C11 OE7 H . 6.75 -8.19 -28.05
C12 OE7 H . 5.68 -8.94 -27.51
C13 OE7 H . 5.18 -10.06 -28.20
C14 OE7 H . 7.28 -6.99 -27.32
C15 OE7 H . 6.96 -5.74 -25.16
C16 OE7 H . 7.82 -4.65 -25.45
C17 OE7 H . 8.05 -3.63 -24.50
C18 OE7 H . 7.43 -3.71 -23.25
C19 OE7 H . 6.58 -4.79 -22.94
C20 OE7 H . 6.34 -5.82 -23.89
C21 OE7 H . 5.41 -6.95 -23.49
C7 OE7 H . 5.26 -11.68 -30.18
C8 OE7 H . 5.76 -10.46 -29.42
C9 OE7 H . 6.84 -9.73 -29.95
CL1 OE7 H . 9.09 -2.32 -24.90
N1 UMP I . 2.96 4.00 23.73
C2 UMP I . 4.29 3.61 24.04
N3 UMP I . 4.69 2.35 23.58
C4 UMP I . 3.91 1.45 22.85
C5 UMP I . 2.56 1.93 22.56
C6 UMP I . 2.15 3.13 23.02
O2 UMP I . 5.07 4.30 24.67
O4 UMP I . 4.36 0.37 22.49
C1' UMP I . 2.42 5.34 24.19
C2' UMP I . 3.08 6.56 23.56
C3' UMP I . 1.97 7.58 23.77
C4' UMP I . 0.68 6.74 23.60
O3' UMP I . 2.04 8.19 25.04
O4' UMP I . 1.07 5.40 23.87
C5' UMP I . 0.04 6.85 22.20
O5' UMP I . -0.36 8.17 21.89
P UMP I . -0.20 8.86 20.43
OP1 UMP I . -0.45 7.98 19.25
OP2 UMP I . -1.17 10.15 20.55
OP3 UMP I . 1.27 9.54 20.55
N1 OE7 J . -1.10 4.64 26.22
C1 OE7 J . -0.78 3.38 25.78
O1 OE7 J . 2.49 2.90 27.12
N2 OE7 J . 1.06 4.64 27.26
C2 OE7 J . 0.39 2.71 26.02
O2 OE7 J . 3.16 -2.74 30.87
N3 OE7 J . -1.57 2.57 25.01
C3 OE7 J . 1.41 3.41 26.84
O3 OE7 J . -2.16 -1.24 32.29
N4 OE7 J . -0.29 6.48 27.48
C4 OE7 J . -0.18 5.22 26.93
O4 OE7 J . -2.49 -3.27 31.32
C5 OE7 J . 0.31 1.43 25.38
N5 OE7 J . 0.92 -2.40 31.21
C6 OE7 J . -0.92 1.38 24.76
C10 OE7 J . 2.96 -1.58 28.25
C11 OE7 J . 1.89 -1.64 29.18
C12 OE7 J . 0.65 -1.06 28.85
C13 OE7 J . 0.47 -0.43 27.61
C14 OE7 J . 2.05 -2.33 30.51
C15 OE7 J . 0.64 -2.98 32.49
C16 OE7 J . 1.68 -3.45 33.32
C17 OE7 J . 1.41 -4.01 34.58
C18 OE7 J . 0.08 -4.09 35.02
C19 OE7 J . -0.97 -3.62 34.22
C20 OE7 J . -0.71 -3.06 32.94
C21 OE7 J . -1.87 -2.56 32.11
C7 OE7 J . 1.36 0.33 25.36
C8 OE7 J . 1.53 -0.36 26.70
C9 OE7 J . 2.78 -0.93 27.01
CL1 OE7 J . 2.70 -4.58 35.56
N1 UMP K . -35.84 -1.91 3.47
C2 UMP K . -36.28 -2.31 4.75
N3 UMP K . -36.35 -1.32 5.73
C4 UMP K . -36.03 0.03 5.56
C5 UMP K . -35.58 0.37 4.22
C6 UMP K . -35.50 -0.59 3.26
O2 UMP K . -36.59 -3.47 5.02
O4 UMP K . -36.12 0.82 6.50
C1' UMP K . -35.73 -2.91 2.34
C2' UMP K . -37.06 -3.52 1.88
C3' UMP K . -36.70 -3.87 0.44
C4' UMP K . -35.82 -2.68 0.02
O3' UMP K . -36.01 -5.09 0.36
O4' UMP K . -35.18 -2.27 1.23
C5' UMP K . -36.61 -1.49 -0.56
O5' UMP K . -36.89 -1.62 -1.95
P UMP K . -38.38 -1.87 -2.55
OP1 UMP K . -38.08 -2.42 -4.04
OP2 UMP K . -39.28 -2.74 -1.74
OP3 UMP K . -38.89 -0.36 -2.84
N1 OE7 L . -31.97 -2.17 0.78
C1 OE7 L . -31.99 -1.22 1.78
O1 OE7 L . -32.65 -3.17 4.69
N2 OE7 L . -32.44 -3.75 2.53
C2 OE7 L . -32.20 -1.45 3.12
O2 OE7 L . -28.20 -2.42 9.72
N3 OE7 L . -31.78 0.13 1.61
C3 OE7 L . -32.45 -2.85 3.52
O3 OE7 L . -24.58 -1.20 5.76
N4 OE7 L . -32.24 -4.50 0.36
C4 OE7 L . -32.20 -3.39 1.19
O4 OE7 L . -23.85 0.54 7.03
C5 OE7 L . -32.12 -0.19 3.79
N5 OE7 L . -26.67 -1.70 8.16
C6 OE7 L . -31.86 0.75 2.82
C10 OE7 L . -30.35 -1.34 8.24
C11 OE7 L . -29.02 -1.38 7.75
C12 OE7 L . -28.77 -0.96 6.43
C13 OE7 L . -29.82 -0.50 5.61
C14 OE7 L . -27.92 -1.89 8.63
C15 OE7 L . -25.41 -2.05 8.73
C16 OE7 L . -25.31 -2.94 9.83
C17 OE7 L . -24.06 -3.31 10.36
C18 OE7 L . -22.89 -2.82 9.79
C19 OE7 L . -22.96 -1.96 8.68
C20 OE7 L . -24.21 -1.59 8.11
C21 OE7 L . -24.22 -0.63 6.95
C7 OE7 L . -32.30 0.06 5.27
C8 OE7 L . -31.14 -0.44 6.12
C9 OE7 L . -31.39 -0.86 7.44
CL1 OE7 L . -23.98 -4.37 11.72
#